data_1YY9
#
_entry.id   1YY9
#
_cell.length_a   77.823
_cell.length_b   70.861
_cell.length_c   147.122
_cell.angle_alpha   90.00
_cell.angle_beta   102.48
_cell.angle_gamma   90.00
#
_symmetry.space_group_name_H-M   'P 1 21 1'
#
loop_
_entity.id
_entity.type
_entity.pdbx_description
1 polymer 'Epidermal Growth Factor Receptor'
2 polymer 'Cetuximab Fab Light chain'
3 polymer 'Cetuximab Fab Heavy chain'
4 branched alpha-D-mannopyranose-(1-2)-alpha-D-mannopyranose-(1-6)-[alpha-D-mannopyranose-(1-3)]alpha-D-mannopyranose-(1-6)-[alpha-D-mannopyranose-(1-3)-alpha-D-mannopyranose-(1-3)]beta-D-mannopyranose-(1-4)-2-acetamido-2-deoxy-beta-D-glucopyranose-(1-4)-2-acetamido-2-deoxy-beta-D-glucopyranose
5 branched 2-acetamido-2-deoxy-beta-D-glucopyranose-(1-4)-2-acetamido-2-deoxy-beta-D-glucopyranose
6 non-polymer 2-acetamido-2-deoxy-beta-D-glucopyranose
7 water water
#
loop_
_entity_poly.entity_id
_entity_poly.type
_entity_poly.pdbx_seq_one_letter_code
_entity_poly.pdbx_strand_id
1 'polypeptide(L)'
;LEEKKVCQGTSNKLTQLGTFEDHFLSLQRMFNNCEVVLGNLEITYVQRNYDLSFLKTIQEVAGYVLIALNTVERIPLENL
QIIRGNMYYENSYALAVLSNYDANKTGLKELPMRNLQEILHGAVRFSNNPALCNVESIQWRDIVSSDFLSNMSMDFQNHL
GSCQKCDPSCPNGSCWGAGEENCQKLTKIICAQQCSGRCRGKSPSDCCHNQCAAGCTGPRESDCLVCRKFRDEATCKDTC
PPLMLYNPTTYQMDVNPEGKYSFGATCVKKCPRNYVVTDHGSCVRACGADSYEMEEDGVRKCKKCEGPCRKVCNGIGIGE
FKDSLSINATNIKHFKNCTSISGDLHILPVAFRGDSFTHTPPLDPQELDILKTVKEITGFLLIQAWPENRTDLHAFENLE
IIRGRTKQHGQFSLAVVSLNITSLGLRSLKEISDGDVIISGNKNLCYANTINWKKLFGTSGQKTKIISNRGENKCKATGQ
VCHALCSPEGCWGPEPRDCVSCRNVSRGRECVDKCKLLEGEPREFVENSECIQCHPECLPQAMNITCTGRGPDNCIQCAH
YIDGPHCVKTCPAGVMGENNTLVWKYADAGHVCHLCHPNCTYGCTGPGLRGCPTNGPKHHHHHH
;
A
2 'polypeptide(L)'
;DILLTQSPVILSVSPGERVSFSCRASQSIGTNIHWYQQRTNGSPRLLIKYASESISGIPSRFSGSGSGTDFTLSINSVES
EDIADYYCQQNNNWPTTFGAGTKLELKRTVAAPSVFIFPPSDEQLKSGTASVVCLLNNFYPREAKVQWKVDNALQSGNSQ
ESVTEQDSKDSTYSLSSTLTLSKADYEKHKVYACEVTHQGLSSPVTKSFNRGA
;
C
3 'polypeptide(L)'
;QVQLKQSGPGLVQPSQSLSITCTVSGFSLTNYGVHWVRQSPGKGLEWLGVIWSGGNTDYNTPFTSRLSINKDNSKSQVFF
KMNSLQSNDTAIYYCARALTYYDYEFAYWGQGTLVTVSAASTKGPSVFPLAPSSKSTSGGTAALGCLVKDYFPEPVTVSW
NSGALTSGVHTFPAVLQSSGLYSLSSVVTVPSSSLGTQTYICNVNHKPSNTKVDKRVEPKS
;
D
#
# COMPACT_ATOMS: atom_id res chain seq x y z
N GLU A 2 20.36 30.46 44.53
CA GLU A 2 21.22 30.13 43.35
C GLU A 2 21.12 28.67 42.91
N GLU A 3 21.33 28.45 41.60
CA GLU A 3 21.36 27.12 40.95
C GLU A 3 22.06 27.28 39.58
N LYS A 4 23.39 27.19 39.58
CA LYS A 4 24.26 27.68 38.49
C LYS A 4 23.69 27.56 37.05
N LYS A 5 23.73 28.66 36.30
CA LYS A 5 23.40 28.63 34.87
C LYS A 5 24.44 27.89 34.05
N VAL A 6 23.95 27.02 33.17
CA VAL A 6 24.80 26.05 32.48
C VAL A 6 24.75 26.32 31.00
N CYS A 7 25.88 26.54 30.35
CA CYS A 7 25.84 26.64 28.90
C CYS A 7 26.53 25.45 28.27
N GLN A 8 26.39 25.32 26.96
CA GLN A 8 26.85 24.13 26.24
C GLN A 8 28.35 24.08 26.08
N GLY A 9 28.96 25.20 25.75
CA GLY A 9 30.32 25.18 25.31
C GLY A 9 30.37 25.21 23.80
N THR A 10 31.58 25.15 23.27
CA THR A 10 31.82 25.26 21.85
C THR A 10 33.02 24.40 21.52
N SER A 11 33.06 23.82 20.32
CA SER A 11 34.31 23.22 19.82
C SER A 11 34.68 23.57 18.37
N ASN A 12 34.78 24.85 18.06
CA ASN A 12 35.17 25.28 16.73
C ASN A 12 36.68 25.49 16.53
N LYS A 13 37.46 25.31 17.60
CA LYS A 13 38.90 25.56 17.62
C LYS A 13 39.24 26.90 16.95
N LEU A 14 40.13 26.85 15.96
CA LEU A 14 40.58 28.09 15.33
C LEU A 14 39.71 28.56 14.18
N THR A 15 38.58 27.87 13.94
CA THR A 15 37.64 28.27 12.89
C THR A 15 36.93 29.58 13.23
N GLN A 16 36.61 30.35 12.19
CA GLN A 16 35.96 31.64 12.38
C GLN A 16 34.61 31.78 11.69
N LEU A 17 33.57 31.89 12.51
CA LEU A 17 32.19 31.89 12.06
C LEU A 17 31.77 33.23 11.44
N GLY A 18 32.16 33.46 10.18
CA GLY A 18 31.75 34.66 9.44
C GLY A 18 32.60 35.86 9.80
N THR A 19 31.98 37.04 9.91
CA THR A 19 32.69 38.27 10.30
C THR A 19 33.12 38.20 11.74
N PHE A 20 34.22 38.88 12.07
CA PHE A 20 34.59 39.15 13.44
C PHE A 20 33.34 39.52 14.19
N GLU A 21 32.60 40.46 13.59
CA GLU A 21 31.30 40.89 14.08
C GLU A 21 30.40 39.71 14.36
N ASP A 22 30.09 38.92 13.33
CA ASP A 22 29.27 37.70 13.48
C ASP A 22 29.78 36.73 14.56
N HIS A 23 31.09 36.52 14.56
CA HIS A 23 31.75 35.56 15.45
C HIS A 23 31.43 35.91 16.90
N PHE A 24 31.73 37.16 17.28
CA PHE A 24 31.49 37.68 18.63
C PHE A 24 30.02 37.61 19.04
N LEU A 25 29.13 37.94 18.11
CA LEU A 25 27.72 37.91 18.43
C LEU A 25 27.29 36.51 18.94
N SER A 26 27.86 35.45 18.33
CA SER A 26 27.47 34.09 18.69
C SER A 26 28.24 33.60 19.91
N LEU A 27 29.45 34.11 20.08
CA LEU A 27 30.21 33.90 21.30
C LEU A 27 29.39 34.44 22.45
N GLN A 28 28.98 35.70 22.34
CA GLN A 28 28.12 36.33 23.32
C GLN A 28 26.83 35.55 23.50
N ARG A 29 26.24 35.11 22.40
CA ARG A 29 24.99 34.36 22.48
C ARG A 29 25.14 33.09 23.30
N MET A 30 26.24 32.36 23.09
CA MET A 30 26.52 31.13 23.81
C MET A 30 26.79 31.38 25.29
N PHE A 31 27.75 32.25 25.61
CA PHE A 31 28.17 32.46 26.99
C PHE A 31 27.44 33.51 27.83
N ASN A 32 26.61 34.38 27.23
CA ASN A 32 25.93 35.40 28.03
C ASN A 32 25.43 34.72 29.27
N ASN A 33 25.75 35.27 30.44
CA ASN A 33 25.18 34.79 31.72
C ASN A 33 25.65 33.42 32.20
N CYS A 34 26.54 32.78 31.46
CA CYS A 34 26.89 31.38 31.73
C CYS A 34 27.82 31.25 32.96
N GLU A 35 27.54 30.28 33.83
CA GLU A 35 28.34 30.05 35.04
C GLU A 35 29.23 28.77 34.96
N VAL A 36 28.64 27.70 34.40
CA VAL A 36 29.27 26.41 34.22
C VAL A 36 29.24 26.03 32.75
N VAL A 37 30.39 25.76 32.17
CA VAL A 37 30.46 25.37 30.77
C VAL A 37 30.65 23.85 30.68
N LEU A 38 29.60 23.14 30.29
CA LEU A 38 29.65 21.69 30.09
C LEU A 38 30.72 21.24 29.12
N GLY A 39 30.93 22.03 28.05
CA GLY A 39 31.89 21.72 27.01
C GLY A 39 33.17 22.54 27.17
N ASN A 40 33.71 23.02 26.05
CA ASN A 40 34.86 23.88 26.11
C ASN A 40 34.45 25.35 26.09
N LEU A 41 35.36 26.20 26.62
CA LEU A 41 35.28 27.62 26.45
C LEU A 41 36.32 28.01 25.40
N GLU A 42 35.86 28.62 24.32
CA GLU A 42 36.77 29.03 23.27
C GLU A 42 36.56 30.51 23.04
N ILE A 43 37.58 31.32 23.30
CA ILE A 43 37.49 32.75 23.05
C ILE A 43 38.46 33.14 21.93
N THR A 44 37.90 33.61 20.86
CA THR A 44 38.59 33.56 19.59
C THR A 44 38.23 34.73 18.68
N TYR A 45 39.25 35.30 18.04
CA TYR A 45 39.07 36.34 17.02
C TYR A 45 38.38 37.63 17.52
N VAL A 46 38.39 37.87 18.82
CA VAL A 46 37.76 39.04 19.38
C VAL A 46 38.65 40.29 19.24
N GLN A 47 38.11 41.33 18.60
CA GLN A 47 38.88 42.55 18.26
C GLN A 47 38.87 43.68 19.31
N ARG A 48 39.69 44.70 19.07
CA ARG A 48 39.73 45.87 19.96
C ARG A 48 38.35 46.44 20.20
N ASN A 49 38.04 46.72 21.48
CA ASN A 49 36.83 47.50 21.86
C ASN A 49 35.51 46.77 21.73
N TYR A 50 35.58 45.45 21.81
CA TYR A 50 34.40 44.66 21.96
C TYR A 50 34.29 44.32 23.43
N ASP A 51 33.18 44.71 24.06
CA ASP A 51 32.95 44.40 25.45
C ASP A 51 32.83 42.89 25.70
N LEU A 52 33.81 42.32 26.39
CA LEU A 52 33.80 40.88 26.76
C LEU A 52 33.47 40.66 28.22
N SER A 53 32.75 41.57 28.81
CA SER A 53 32.54 41.51 30.25
C SER A 53 31.57 40.44 30.69
N PHE A 54 30.69 39.96 29.82
CA PHE A 54 29.79 38.87 30.20
C PHE A 54 30.56 37.66 30.75
N LEU A 55 31.83 37.52 30.34
CA LEU A 55 32.70 36.43 30.80
C LEU A 55 32.98 36.42 32.29
N LYS A 56 32.61 37.50 32.97
CA LYS A 56 32.81 37.59 34.41
C LYS A 56 31.94 36.56 35.15
N THR A 57 30.93 36.02 34.48
CA THR A 57 30.00 35.07 35.12
C THR A 57 30.57 33.64 35.20
N ILE A 58 31.60 33.35 34.40
CA ILE A 58 32.03 32.00 34.22
C ILE A 58 32.80 31.47 35.43
N GLN A 59 32.19 30.55 36.16
CA GLN A 59 32.85 29.91 37.29
C GLN A 59 33.64 28.66 36.93
N GLU A 60 33.12 27.84 36.02
CA GLU A 60 33.72 26.49 35.81
C GLU A 60 33.69 26.09 34.36
N VAL A 61 34.75 25.45 33.92
CA VAL A 61 34.82 24.80 32.63
C VAL A 61 35.16 23.30 32.73
N ALA A 62 34.34 22.49 32.07
CA ALA A 62 34.50 21.05 32.08
C ALA A 62 35.58 20.65 31.11
N GLY A 63 35.50 21.16 29.88
CA GLY A 63 36.42 20.75 28.84
C GLY A 63 37.74 21.51 28.93
N TYR A 64 38.17 22.05 27.81
CA TYR A 64 39.31 22.93 27.83
C TYR A 64 38.90 24.40 27.64
N VAL A 65 39.88 25.28 27.87
CA VAL A 65 39.76 26.69 27.59
C VAL A 65 40.75 27.04 26.47
N LEU A 66 40.24 27.55 25.37
CA LEU A 66 41.12 28.06 24.36
C LEU A 66 40.93 29.57 24.22
N ILE A 67 42.04 30.30 24.21
CA ILE A 67 42.01 31.74 23.99
C ILE A 67 43.05 32.06 22.92
N ALA A 68 42.56 32.35 21.73
CA ALA A 68 43.48 32.50 20.62
C ALA A 68 43.03 33.50 19.59
N LEU A 69 44.02 34.15 18.99
CA LEU A 69 43.84 35.06 17.85
C LEU A 69 42.95 36.26 18.21
N ASN A 70 42.90 36.56 19.50
CA ASN A 70 42.20 37.73 20.01
C ASN A 70 43.12 38.98 19.97
N THR A 71 42.60 40.14 19.58
CA THR A 71 43.35 41.40 19.77
C THR A 71 42.70 42.23 20.86
N VAL A 72 41.56 41.77 21.34
CA VAL A 72 40.86 42.47 22.42
C VAL A 72 41.84 42.68 23.58
N GLU A 73 41.73 43.81 24.27
CA GLU A 73 42.67 44.18 25.31
C GLU A 73 42.57 43.34 26.58
N ARG A 74 41.36 43.19 27.10
CA ARG A 74 41.09 42.46 28.33
C ARG A 74 40.26 41.23 28.00
N ILE A 75 40.54 40.12 28.68
CA ILE A 75 39.65 38.99 28.69
C ILE A 75 39.33 38.71 30.15
N PRO A 76 38.24 39.32 30.64
CA PRO A 76 37.99 39.33 32.08
C PRO A 76 37.38 38.05 32.61
N LEU A 77 38.11 36.95 32.51
CA LEU A 77 37.71 35.66 33.10
C LEU A 77 38.02 35.66 34.60
N GLU A 78 37.41 36.59 35.32
CA GLU A 78 37.76 36.93 36.69
C GLU A 78 37.28 35.94 37.75
N ASN A 79 36.34 35.07 37.39
CA ASN A 79 35.80 34.12 38.38
C ASN A 79 35.91 32.63 37.98
N LEU A 80 36.59 32.35 36.87
CA LEU A 80 36.91 31.03 36.46
C LEU A 80 37.69 30.31 37.56
N GLN A 81 37.06 29.44 38.34
CA GLN A 81 37.83 28.76 39.41
C GLN A 81 38.55 27.52 38.95
N ILE A 82 37.97 26.79 37.99
CA ILE A 82 38.39 25.42 37.67
C ILE A 82 38.20 25.07 36.21
N ILE A 83 39.23 24.47 35.62
CA ILE A 83 39.14 23.83 34.32
C ILE A 83 39.39 22.30 34.55
N ARG A 84 38.37 21.47 34.31
CA ARG A 84 38.53 20.03 34.56
C ARG A 84 39.40 19.40 33.49
N GLY A 85 39.27 19.83 32.25
CA GLY A 85 40.05 19.18 31.19
C GLY A 85 39.52 17.79 30.90
N ASN A 86 38.21 17.68 30.71
CA ASN A 86 37.63 16.43 30.27
C ASN A 86 37.92 16.28 28.81
N MET A 87 38.31 17.38 28.17
CA MET A 87 38.87 17.33 26.84
C MET A 87 40.04 18.23 26.73
N TYR A 88 40.87 18.01 25.71
CA TYR A 88 42.09 18.83 25.49
C TYR A 88 41.98 19.53 24.17
N TYR A 89 42.64 20.68 24.05
CA TYR A 89 42.61 21.45 22.82
C TYR A 89 43.38 20.75 21.69
N GLU A 90 44.62 20.54 21.98
CA GLU A 90 45.59 19.94 21.12
C GLU A 90 46.48 19.12 22.01
N ASN A 91 47.16 18.10 21.48
CA ASN A 91 47.97 17.27 22.37
C ASN A 91 47.25 17.09 23.70
N SER A 92 47.76 17.73 24.77
CA SER A 92 47.10 17.57 26.07
C SER A 92 47.03 18.81 26.93
N TYR A 93 46.65 19.91 26.28
CA TYR A 93 46.48 21.12 27.01
C TYR A 93 45.01 21.36 27.31
N ALA A 94 44.72 21.54 28.59
CA ALA A 94 43.40 21.89 29.06
C ALA A 94 43.24 23.39 29.07
N LEU A 95 44.34 24.14 28.98
CA LEU A 95 44.33 25.65 28.78
C LEU A 95 45.35 26.06 27.72
N ALA A 96 44.90 26.82 26.73
CA ALA A 96 45.79 27.16 25.61
C ALA A 96 45.53 28.60 25.21
N VAL A 97 46.54 29.44 25.38
CA VAL A 97 46.44 30.87 25.15
C VAL A 97 47.46 31.22 24.08
N LEU A 98 46.97 31.48 22.86
CA LEU A 98 47.82 31.42 21.65
C LEU A 98 47.65 32.55 20.66
N SER A 99 48.79 33.08 20.23
CA SER A 99 48.89 34.07 19.20
C SER A 99 47.78 35.12 19.25
N ASN A 100 47.62 35.76 20.41
CA ASN A 100 46.59 36.74 20.61
C ASN A 100 47.11 38.09 20.16
N TYR A 101 47.21 38.26 18.85
CA TYR A 101 47.72 39.47 18.24
C TYR A 101 47.35 39.47 16.76
N ASP A 102 47.42 40.64 16.13
CA ASP A 102 47.19 40.73 14.70
C ASP A 102 48.41 41.35 14.02
N ALA A 103 48.29 41.54 12.71
CA ALA A 103 49.34 42.13 11.90
C ALA A 103 49.58 43.59 12.28
N ASN A 104 48.55 44.23 12.85
CA ASN A 104 48.55 45.66 13.13
C ASN A 104 49.27 46.11 14.40
N LYS A 105 50.17 45.27 14.91
CA LYS A 105 50.97 45.58 16.10
C LYS A 105 50.11 45.80 17.37
N THR A 106 49.08 44.96 17.52
CA THR A 106 48.24 45.01 18.71
C THR A 106 47.76 43.60 19.06
N GLY A 107 47.65 43.31 20.35
CA GLY A 107 47.14 42.04 20.82
C GLY A 107 46.61 42.10 22.24
N LEU A 108 46.54 40.95 22.90
CA LEU A 108 45.88 40.81 24.19
C LEU A 108 46.78 41.29 25.35
N LYS A 109 46.24 42.15 26.20
CA LYS A 109 46.96 42.67 27.37
C LYS A 109 46.60 42.00 28.69
N GLU A 110 45.30 41.88 28.98
CA GLU A 110 44.86 41.51 30.33
C GLU A 110 44.00 40.23 30.40
N LEU A 111 44.58 39.20 30.99
CA LEU A 111 43.94 37.92 31.19
C LEU A 111 43.88 37.68 32.68
N PRO A 112 43.04 38.43 33.39
CA PRO A 112 43.13 38.38 34.82
C PRO A 112 42.39 37.20 35.47
N MET A 113 42.88 35.99 35.29
CA MET A 113 42.16 34.85 35.87
C MET A 113 42.62 34.64 37.31
N ARG A 114 42.19 35.54 38.18
CA ARG A 114 42.68 35.59 39.55
C ARG A 114 42.03 34.56 40.44
N ASN A 115 41.03 33.88 39.92
CA ASN A 115 40.36 32.84 40.67
C ASN A 115 40.60 31.41 40.11
N LEU A 116 41.46 31.28 39.10
CA LEU A 116 41.74 29.99 38.52
C LEU A 116 42.60 29.18 39.48
N GLN A 117 42.02 28.34 40.31
CA GLN A 117 42.90 27.61 41.18
C GLN A 117 43.23 26.18 40.77
N GLU A 118 42.27 25.45 40.21
CA GLU A 118 42.61 24.14 39.68
C GLU A 118 42.40 23.90 38.20
N ILE A 119 43.39 23.24 37.63
CA ILE A 119 43.27 22.56 36.37
C ILE A 119 43.39 21.09 36.76
N LEU A 120 42.30 20.38 36.56
CA LEU A 120 42.15 19.09 37.18
C LEU A 120 42.95 18.04 36.45
N HIS A 121 43.05 18.20 35.14
CA HIS A 121 43.83 17.30 34.28
C HIS A 121 44.33 18.12 33.15
N GLY A 122 45.56 17.84 32.71
CA GLY A 122 46.07 18.47 31.52
C GLY A 122 47.11 19.53 31.82
N ALA A 123 47.86 19.87 30.78
CA ALA A 123 48.83 20.94 30.86
C ALA A 123 48.32 22.26 30.26
N VAL A 124 49.25 23.20 30.04
CA VAL A 124 48.90 24.57 29.65
C VAL A 124 49.87 25.02 28.59
N ARG A 125 49.37 25.71 27.58
CA ARG A 125 50.25 26.30 26.59
C ARG A 125 49.99 27.81 26.52
N PHE A 126 51.08 28.57 26.65
CA PHE A 126 51.11 30.00 26.34
C PHE A 126 52.19 30.23 25.27
N SER A 127 51.82 30.67 24.08
CA SER A 127 52.83 31.13 23.09
C SER A 127 52.35 32.25 22.16
N ASN A 128 53.27 33.11 21.73
CA ASN A 128 52.97 34.23 20.81
C ASN A 128 51.87 35.20 21.29
N ASN A 129 52.05 35.76 22.48
CA ASN A 129 51.14 36.77 22.98
C ASN A 129 51.90 38.04 23.30
N PRO A 130 52.30 38.78 22.27
CA PRO A 130 53.37 39.79 22.39
C PRO A 130 52.91 41.04 23.14
N ALA A 131 51.68 41.06 23.60
CA ALA A 131 51.20 42.21 24.33
C ALA A 131 50.70 41.79 25.72
N LEU A 132 50.97 40.54 26.11
CA LEU A 132 50.44 40.03 27.37
C LEU A 132 51.17 40.53 28.63
N CYS A 133 50.44 40.67 29.74
CA CYS A 133 51.03 41.19 30.96
C CYS A 133 50.76 40.33 32.17
N ASN A 134 51.76 40.32 33.07
CA ASN A 134 51.63 39.77 34.41
C ASN A 134 51.58 38.21 34.54
N VAL A 135 50.88 37.56 33.62
CA VAL A 135 50.62 36.10 33.67
C VAL A 135 51.92 35.29 33.82
N GLU A 136 52.95 35.72 33.11
CA GLU A 136 54.28 35.15 33.15
C GLU A 136 54.83 35.00 34.55
N SER A 137 54.18 35.61 35.52
CA SER A 137 54.70 35.60 36.89
C SER A 137 53.95 34.53 37.66
N ILE A 138 52.85 34.10 37.08
CA ILE A 138 52.01 33.09 37.72
C ILE A 138 52.80 31.83 37.96
N GLN A 139 52.61 31.29 39.16
CA GLN A 139 53.29 30.02 39.58
C GLN A 139 52.34 28.85 39.38
N TRP A 140 52.49 28.19 38.25
CA TRP A 140 51.62 27.10 37.83
C TRP A 140 51.60 25.83 38.72
N ARG A 141 52.69 25.53 39.43
CA ARG A 141 52.68 24.39 40.30
C ARG A 141 51.51 24.41 41.28
N ASP A 142 50.84 25.55 41.48
CA ASP A 142 49.67 25.55 42.37
C ASP A 142 48.40 25.10 41.64
N ILE A 143 48.39 25.30 40.33
CA ILE A 143 47.20 25.18 39.51
C ILE A 143 47.13 23.82 38.83
N VAL A 144 48.24 23.45 38.22
CA VAL A 144 48.34 22.21 37.45
C VAL A 144 48.80 21.05 38.31
N SER A 145 48.07 19.95 38.20
CA SER A 145 48.52 18.66 38.71
C SER A 145 49.96 18.30 38.29
N SER A 146 50.71 17.74 39.22
CA SER A 146 52.11 17.45 38.97
C SER A 146 52.36 16.34 37.95
N ASP A 147 51.32 15.61 37.52
CA ASP A 147 51.53 14.68 36.42
C ASP A 147 51.70 15.39 35.07
N PHE A 148 51.17 16.61 34.95
CA PHE A 148 51.17 17.30 33.66
C PHE A 148 52.28 18.33 33.47
N LEU A 149 52.97 18.65 34.56
CA LEU A 149 54.06 19.62 34.53
C LEU A 149 54.98 19.32 33.33
N SER A 150 55.24 18.05 33.10
CA SER A 150 56.13 17.64 32.04
C SER A 150 55.68 18.02 30.61
N ASN A 151 54.40 18.28 30.39
CA ASN A 151 53.94 18.59 29.03
C ASN A 151 53.53 20.10 28.94
N MET A 152 54.02 20.90 29.89
CA MET A 152 53.71 22.34 29.99
C MET A 152 54.45 23.14 28.90
N SER A 153 53.81 24.11 28.26
CA SER A 153 54.49 24.88 27.20
C SER A 153 54.38 26.43 27.32
N MET A 154 55.24 27.00 28.17
CA MET A 154 55.09 28.38 28.59
C MET A 154 56.15 29.22 27.94
N ASP A 155 55.75 30.03 27.00
CA ASP A 155 56.63 30.92 26.29
C ASP A 155 56.05 32.36 26.36
N PHE A 156 56.56 33.14 27.32
CA PHE A 156 56.11 34.50 27.54
C PHE A 156 57.10 35.53 26.98
N GLN A 157 56.62 36.38 26.07
CA GLN A 157 57.46 37.42 25.48
C GLN A 157 56.65 38.70 25.21
N ASN A 158 56.81 39.72 26.06
CA ASN A 158 56.10 40.99 25.83
C ASN A 158 56.97 41.92 25.02
N HIS A 159 56.44 42.39 23.89
CA HIS A 159 57.16 43.29 22.99
C HIS A 159 56.28 44.46 22.51
N LEU A 160 55.09 44.62 23.07
CA LEU A 160 54.14 45.64 22.58
C LEU A 160 53.77 46.71 23.61
N GLY A 161 54.04 46.44 24.88
CA GLY A 161 53.88 47.47 25.89
C GLY A 161 54.82 47.37 27.06
N SER A 162 54.61 48.26 28.02
CA SER A 162 55.17 48.16 29.34
C SER A 162 54.02 47.68 30.19
N CYS A 163 54.29 46.95 31.24
CA CYS A 163 53.19 46.46 32.01
C CYS A 163 53.15 47.04 33.38
N GLN A 164 51.96 47.04 33.95
CA GLN A 164 51.82 47.31 35.36
C GLN A 164 52.53 46.21 36.17
N LYS A 165 52.70 46.44 37.46
CA LYS A 165 53.45 45.52 38.30
C LYS A 165 52.57 44.93 39.40
N CYS A 166 52.97 43.73 39.86
CA CYS A 166 52.24 43.05 40.91
C CYS A 166 52.34 43.78 42.23
N ASP A 167 51.26 43.81 42.99
CA ASP A 167 51.29 44.37 44.34
C ASP A 167 52.37 43.74 45.22
N PRO A 168 53.04 44.52 46.09
CA PRO A 168 53.99 43.81 46.96
C PRO A 168 53.24 42.82 47.86
N SER A 169 51.94 43.03 47.98
CA SER A 169 51.04 42.17 48.71
C SER A 169 51.19 40.69 48.22
N CYS A 170 51.31 40.52 46.90
CA CYS A 170 51.46 39.25 46.23
C CYS A 170 52.56 38.34 46.81
N PRO A 171 52.31 37.00 46.81
CA PRO A 171 53.29 35.95 47.14
C PRO A 171 54.30 35.72 46.00
N ASN A 172 55.58 35.84 46.33
CA ASN A 172 56.67 35.71 45.36
C ASN A 172 56.49 36.58 44.08
N GLY A 173 55.80 37.72 44.21
CA GLY A 173 55.60 38.66 43.10
C GLY A 173 54.75 38.11 41.98
N SER A 174 53.87 37.18 42.31
CA SER A 174 53.05 36.47 41.33
C SER A 174 51.67 37.04 41.33
N CYS A 175 51.17 37.40 40.16
CA CYS A 175 49.85 38.00 40.06
C CYS A 175 49.36 37.92 38.64
N TRP A 176 48.07 38.20 38.49
CA TRP A 176 47.35 38.09 37.22
C TRP A 176 47.23 39.44 36.51
N GLY A 177 47.48 40.52 37.24
CA GLY A 177 47.35 41.86 36.70
C GLY A 177 47.59 42.88 37.77
N ALA A 178 47.21 44.13 37.50
CA ALA A 178 47.44 45.20 38.45
C ALA A 178 46.55 44.97 39.68
N GLY A 179 46.95 45.54 40.83
CA GLY A 179 46.14 45.50 42.06
C GLY A 179 46.20 44.28 42.99
N GLU A 180 46.06 44.54 44.30
CA GLU A 180 46.05 43.50 45.32
C GLU A 180 45.06 42.36 44.98
N GLU A 181 43.93 42.72 44.37
CA GLU A 181 42.87 41.75 44.06
C GLU A 181 43.25 40.74 42.96
N ASN A 182 44.38 40.98 42.28
CA ASN A 182 44.84 40.11 41.18
C ASN A 182 46.04 39.26 41.60
N CYS A 183 46.33 39.22 42.90
CA CYS A 183 47.43 38.40 43.40
C CYS A 183 46.99 36.94 43.29
N GLN A 184 47.93 36.05 42.96
CA GLN A 184 47.68 34.61 43.05
C GLN A 184 47.22 34.23 44.44
N LYS A 185 46.18 33.41 44.54
CA LYS A 185 45.84 32.81 45.83
C LYS A 185 46.37 31.38 45.82
N LEU A 186 47.53 31.15 46.43
CA LEU A 186 48.11 29.81 46.50
C LEU A 186 47.34 28.90 47.48
N THR A 187 46.94 27.70 47.01
CA THR A 187 46.21 26.77 47.87
C THR A 187 46.77 25.35 47.90
N LYS A 188 47.94 25.15 47.27
CA LYS A 188 48.58 23.83 47.23
C LYS A 188 49.98 23.85 47.79
N ILE A 189 50.88 24.43 47.00
CA ILE A 189 52.33 24.51 47.30
C ILE A 189 52.70 25.27 48.60
N ILE A 190 51.70 25.74 49.33
CA ILE A 190 51.98 26.60 50.46
C ILE A 190 51.54 25.92 51.77
N CYS A 191 51.46 24.59 51.74
CA CYS A 191 50.84 23.92 52.86
C CYS A 191 51.66 22.80 53.49
N ALA A 192 51.44 22.59 54.78
CA ALA A 192 52.22 21.63 55.54
C ALA A 192 52.17 20.23 54.95
N GLN A 193 53.18 19.42 55.29
CA GLN A 193 53.26 18.02 54.86
C GLN A 193 51.92 17.31 55.07
N GLN A 194 51.38 17.40 56.30
CA GLN A 194 50.16 16.71 56.72
C GLN A 194 49.06 16.63 55.64
N CYS A 195 48.61 17.79 55.15
CA CYS A 195 47.56 17.83 54.13
C CYS A 195 47.87 16.96 52.93
N SER A 196 46.87 16.18 52.53
CA SER A 196 46.91 15.49 51.26
C SER A 196 46.85 16.51 50.11
N GLY A 197 45.69 17.14 49.92
CA GLY A 197 45.44 18.07 48.81
C GLY A 197 45.46 19.52 49.24
N ARG A 198 44.47 20.29 48.77
CA ARG A 198 44.37 21.75 48.96
C ARG A 198 44.24 22.24 50.41
N CYS A 199 44.25 23.57 50.54
CA CYS A 199 44.29 24.32 51.85
C CYS A 199 43.91 25.79 51.69
N ARG A 200 43.81 26.46 52.83
CA ARG A 200 43.38 27.86 52.89
C ARG A 200 44.23 28.62 53.90
N GLY A 201 45.08 27.89 54.59
CA GLY A 201 46.01 28.46 55.54
C GLY A 201 47.33 27.74 55.39
N LYS A 202 48.25 27.99 56.31
CA LYS A 202 49.55 27.39 56.23
C LYS A 202 49.74 26.34 57.33
N SER A 203 48.69 26.18 58.13
CA SER A 203 48.71 25.30 59.31
C SER A 203 48.16 23.88 59.07
N PRO A 204 48.41 22.96 60.02
CA PRO A 204 47.83 21.61 59.99
C PRO A 204 46.29 21.61 60.03
N SER A 205 45.71 22.53 60.79
CA SER A 205 44.27 22.56 60.91
C SER A 205 43.62 23.54 59.93
N ASP A 206 44.01 23.43 58.66
CA ASP A 206 43.29 24.11 57.57
C ASP A 206 43.59 23.43 56.26
N CYS A 207 43.70 22.10 56.34
CA CYS A 207 43.73 21.29 55.14
C CYS A 207 42.30 21.20 54.63
N CYS A 208 42.17 21.07 53.30
CA CYS A 208 40.88 20.85 52.67
C CYS A 208 40.62 19.36 52.63
N HIS A 209 39.35 18.97 52.78
CA HIS A 209 38.98 17.58 52.58
C HIS A 209 39.57 17.09 51.26
N ASN A 210 40.02 15.83 51.28
CA ASN A 210 40.51 15.10 50.12
C ASN A 210 39.73 15.42 48.84
N GLN A 211 38.42 15.64 49.00
CA GLN A 211 37.47 15.78 47.90
C GLN A 211 37.45 17.11 47.14
N CYS A 212 38.14 18.15 47.64
CA CYS A 212 38.00 19.53 47.09
C CYS A 212 38.91 19.82 45.91
N ALA A 213 38.47 20.71 45.04
CA ALA A 213 39.34 21.15 43.98
C ALA A 213 40.08 22.46 44.29
N ALA A 214 39.44 23.62 44.21
CA ALA A 214 40.25 24.85 44.15
C ALA A 214 40.86 25.22 45.48
N GLY A 215 40.19 24.80 46.54
CA GLY A 215 40.54 25.17 47.91
C GLY A 215 39.26 25.04 48.70
N CYS A 216 39.21 25.64 49.89
CA CYS A 216 38.08 25.43 50.79
C CYS A 216 37.86 26.55 51.82
N THR A 217 36.73 26.44 52.52
CA THR A 217 36.29 27.37 53.54
C THR A 217 36.23 26.64 54.88
N GLY A 218 36.75 25.42 54.90
CA GLY A 218 36.71 24.60 56.10
C GLY A 218 37.18 23.17 55.91
N PRO A 219 37.21 22.40 57.01
CA PRO A 219 37.75 21.04 57.00
C PRO A 219 36.85 20.05 56.25
N ARG A 220 35.56 20.07 56.57
CA ARG A 220 34.61 19.03 56.22
C ARG A 220 34.28 19.00 54.70
N GLU A 221 33.93 17.80 54.22
CA GLU A 221 33.58 17.46 52.81
C GLU A 221 32.62 18.42 52.08
N SER A 222 31.99 19.32 52.83
CA SER A 222 30.99 20.23 52.27
C SER A 222 31.45 21.69 52.31
N ASP A 223 32.73 21.91 52.57
CA ASP A 223 33.29 23.26 52.63
C ASP A 223 34.13 23.57 51.43
N CYS A 224 34.07 22.68 50.44
CA CYS A 224 34.88 22.82 49.25
C CYS A 224 34.50 24.05 48.48
N LEU A 225 35.48 24.64 47.81
CA LEU A 225 35.18 25.71 46.89
C LEU A 225 34.40 25.09 45.75
N VAL A 226 34.85 23.90 45.34
CA VAL A 226 34.41 23.31 44.10
C VAL A 226 34.88 21.84 44.16
N CYS A 227 34.23 20.91 43.45
CA CYS A 227 34.45 19.48 43.70
C CYS A 227 35.38 18.79 42.72
N ARG A 228 36.28 17.95 43.22
CA ARG A 228 37.16 17.18 42.36
C ARG A 228 36.39 16.20 41.47
N LYS A 229 35.35 15.59 42.02
CA LYS A 229 34.57 14.59 41.32
C LYS A 229 33.15 15.06 41.11
N PHE A 230 32.22 14.66 41.97
CA PHE A 230 30.87 15.15 41.81
C PHE A 230 30.51 16.02 43.01
N ARG A 231 29.52 16.90 42.83
CA ARG A 231 28.88 17.57 43.96
C ARG A 231 27.41 17.21 44.06
N ASP A 232 26.95 17.03 45.29
CA ASP A 232 25.57 16.67 45.56
C ASP A 232 24.99 17.60 46.63
N GLU A 233 24.36 18.68 46.17
CA GLU A 233 23.90 19.78 47.02
C GLU A 233 25.02 20.33 47.93
N ALA A 234 26.11 20.72 47.28
CA ALA A 234 27.34 21.19 47.97
C ALA A 234 27.92 20.24 49.04
N THR A 235 27.79 18.94 48.78
CA THR A 235 28.61 17.91 49.42
C THR A 235 29.42 17.25 48.30
N CYS A 236 30.75 17.26 48.40
CA CYS A 236 31.59 16.60 47.39
C CYS A 236 31.73 15.08 47.61
N LYS A 237 31.35 14.29 46.59
CA LYS A 237 31.35 12.82 46.65
C LYS A 237 32.19 12.19 45.54
N ASP A 238 32.61 10.96 45.76
CA ASP A 238 33.30 10.17 44.74
C ASP A 238 32.42 9.84 43.55
N THR A 239 31.14 9.65 43.81
CA THR A 239 30.18 9.31 42.77
C THR A 239 28.78 9.71 43.19
N CYS A 240 27.93 9.99 42.20
CA CYS A 240 26.52 10.19 42.46
C CYS A 240 25.90 8.93 43.04
N PRO A 241 25.08 9.07 44.10
CA PRO A 241 24.39 7.95 44.71
C PRO A 241 23.54 7.25 43.66
N PRO A 242 23.67 5.94 43.57
CA PRO A 242 23.12 5.21 42.42
C PRO A 242 21.64 4.91 42.53
N LEU A 243 21.06 4.54 41.40
CA LEU A 243 19.61 4.36 41.26
C LEU A 243 19.12 3.03 41.81
N MET A 244 20.01 2.05 41.82
CA MET A 244 19.69 0.72 42.30
C MET A 244 20.69 0.31 43.36
N LEU A 245 20.19 -0.30 44.44
CA LEU A 245 21.04 -0.92 45.44
C LEU A 245 20.55 -2.34 45.65
N TYR A 246 21.46 -3.28 45.93
CA TYR A 246 21.06 -4.62 46.28
C TYR A 246 20.30 -4.59 47.61
N ASN A 247 19.08 -5.12 47.60
CA ASN A 247 18.24 -5.11 48.80
C ASN A 247 18.39 -6.42 49.56
N PRO A 248 19.00 -6.34 50.77
CA PRO A 248 19.30 -7.54 51.58
C PRO A 248 18.04 -8.34 51.91
N THR A 249 16.93 -7.63 52.02
CA THR A 249 15.64 -8.21 52.33
C THR A 249 14.99 -8.78 51.09
N THR A 250 14.93 -7.99 50.03
CA THR A 250 14.21 -8.39 48.81
C THR A 250 15.02 -9.41 48.01
N TYR A 251 16.31 -9.52 48.35
CA TYR A 251 17.26 -10.39 47.63
C TYR A 251 17.48 -10.02 46.15
N GLN A 252 17.33 -8.74 45.80
CA GLN A 252 17.74 -8.27 44.46
C GLN A 252 17.95 -6.74 44.37
N MET A 253 18.10 -6.27 43.13
CA MET A 253 18.19 -4.84 42.86
C MET A 253 16.86 -4.18 43.18
N ASP A 254 16.94 -2.99 43.76
CA ASP A 254 15.76 -2.22 44.10
C ASP A 254 16.04 -0.74 43.94
N VAL A 255 15.02 0.01 43.55
CA VAL A 255 15.14 1.45 43.45
C VAL A 255 15.78 1.96 44.74
N ASN A 256 16.95 2.59 44.63
CA ASN A 256 17.53 3.28 45.76
C ASN A 256 16.70 4.53 45.98
N PRO A 257 16.05 4.64 47.16
CA PRO A 257 15.22 5.82 47.37
C PRO A 257 16.05 7.09 47.28
N GLU A 258 17.13 7.20 48.07
CA GLU A 258 18.00 8.41 48.09
C GLU A 258 18.84 8.66 46.81
N GLY A 259 18.63 7.87 45.77
CA GLY A 259 19.47 7.88 44.56
C GLY A 259 19.34 9.09 43.64
N LYS A 260 20.36 9.31 42.79
CA LYS A 260 20.46 10.55 41.99
C LYS A 260 21.11 10.39 40.62
N TYR A 261 20.58 11.14 39.67
CA TYR A 261 21.10 11.19 38.32
C TYR A 261 22.34 12.07 38.28
N SER A 262 23.14 11.89 37.25
CA SER A 262 24.35 12.64 37.16
C SER A 262 24.25 13.60 35.98
N PHE A 263 24.64 14.85 36.21
CA PHE A 263 24.56 15.87 35.20
C PHE A 263 25.74 16.80 35.39
N GLY A 264 26.66 16.76 34.43
CA GLY A 264 27.94 17.46 34.51
C GLY A 264 28.72 16.90 35.68
N ALA A 265 29.27 17.77 36.50
CA ALA A 265 29.96 17.35 37.71
C ALA A 265 29.03 17.42 38.91
N THR A 266 27.77 17.06 38.69
CA THR A 266 26.72 17.33 39.64
C THR A 266 25.79 16.14 39.79
N CYS A 267 25.34 15.93 41.03
CA CYS A 267 24.33 14.93 41.36
C CYS A 267 23.05 15.64 41.68
N VAL A 268 21.98 15.17 41.06
CA VAL A 268 20.75 15.90 40.91
C VAL A 268 19.58 14.93 40.99
N LYS A 269 18.49 15.36 41.61
CA LYS A 269 17.34 14.48 41.77
C LYS A 269 16.45 14.45 40.52
N LYS A 270 16.42 15.55 39.79
CA LYS A 270 15.72 15.58 38.51
C LYS A 270 16.53 16.33 37.47
N CYS A 271 16.58 15.82 36.24
CA CYS A 271 17.25 16.52 35.14
C CYS A 271 16.60 17.86 34.87
N PRO A 272 17.39 18.85 34.45
CA PRO A 272 16.91 20.16 34.00
C PRO A 272 15.89 20.06 32.87
N ARG A 273 15.08 21.11 32.69
CA ARG A 273 14.00 21.02 31.72
C ARG A 273 14.53 20.50 30.38
N ASN A 274 13.78 19.59 29.75
CA ASN A 274 14.07 19.14 28.37
C ASN A 274 15.32 18.27 28.25
N TYR A 275 15.69 17.62 29.34
CA TYR A 275 16.75 16.59 29.37
C TYR A 275 16.14 15.20 29.61
N VAL A 276 16.81 14.17 29.09
CA VAL A 276 16.36 12.79 29.17
C VAL A 276 17.38 12.01 29.99
N VAL A 277 16.95 10.98 30.73
CA VAL A 277 17.87 10.16 31.51
C VAL A 277 18.25 8.86 30.79
N THR A 278 19.53 8.64 30.53
CA THR A 278 19.96 7.40 29.89
C THR A 278 19.84 6.22 30.85
N ASP A 279 19.85 5.01 30.28
CA ASP A 279 19.79 3.75 31.05
C ASP A 279 21.01 3.55 32.00
N HIS A 280 21.82 4.59 32.18
CA HIS A 280 22.98 4.56 33.11
C HIS A 280 22.84 5.62 34.20
N GLY A 281 21.81 6.46 34.10
CA GLY A 281 21.49 7.48 35.09
C GLY A 281 22.17 8.81 34.85
N SER A 282 22.42 9.13 33.58
CA SER A 282 23.00 10.42 33.25
C SER A 282 22.06 11.28 32.43
N CYS A 283 22.01 12.57 32.76
CA CYS A 283 21.18 13.48 32.01
C CYS A 283 21.86 13.85 30.71
N VAL A 284 21.19 13.58 29.60
CA VAL A 284 21.66 13.93 28.29
C VAL A 284 20.56 14.70 27.57
N ARG A 285 20.90 15.38 26.48
CA ARG A 285 19.96 16.26 25.82
C ARG A 285 18.84 15.56 25.05
N ALA A 286 19.15 14.36 24.52
CA ALA A 286 18.18 13.53 23.77
C ALA A 286 18.71 12.12 23.50
N CYS A 287 17.79 11.17 23.33
CA CYS A 287 18.10 9.70 23.28
C CYS A 287 18.92 9.18 22.12
N GLY A 288 19.88 8.31 22.43
CA GLY A 288 20.59 7.55 21.41
C GLY A 288 19.66 6.74 20.50
N ALA A 289 19.98 6.68 19.21
CA ALA A 289 19.34 5.71 18.33
C ALA A 289 19.49 4.33 19.00
N ASP A 290 18.61 3.40 18.67
CA ASP A 290 18.60 2.10 19.34
C ASP A 290 17.60 2.16 20.51
N SER A 291 17.29 3.39 20.90
CA SER A 291 16.44 3.58 22.07
C SER A 291 15.48 4.75 21.86
N TYR A 292 14.63 5.01 22.84
CA TYR A 292 13.57 6.00 22.66
C TYR A 292 13.12 6.64 23.95
N GLU A 293 12.41 7.76 23.79
CA GLU A 293 11.93 8.51 24.94
C GLU A 293 10.57 8.07 25.41
N MET A 294 10.44 7.94 26.73
CA MET A 294 9.20 7.65 27.41
C MET A 294 9.30 8.13 28.86
N GLU A 295 8.33 7.77 29.70
CA GLU A 295 8.22 8.39 31.03
C GLU A 295 7.67 7.47 32.12
N GLU A 296 8.39 7.38 33.23
CA GLU A 296 7.84 6.83 34.49
C GLU A 296 8.21 7.79 35.62
N ASP A 297 7.20 8.24 36.37
CA ASP A 297 7.34 9.28 37.41
C ASP A 297 7.96 10.51 36.82
N GLY A 298 7.15 11.48 36.46
CA GLY A 298 7.59 12.77 35.87
C GLY A 298 9.06 12.88 35.47
N VAL A 299 9.57 11.82 34.83
CA VAL A 299 10.98 11.72 34.42
C VAL A 299 11.01 11.08 33.04
N ARG A 300 11.51 11.83 32.07
CA ARG A 300 11.75 11.29 30.74
C ARG A 300 13.00 10.40 30.79
N LYS A 301 12.92 9.18 30.25
CA LYS A 301 14.06 8.23 30.19
C LYS A 301 14.24 7.62 28.81
N CYS A 302 15.44 7.17 28.48
CA CYS A 302 15.64 6.37 27.28
C CYS A 302 15.49 4.92 27.64
N LYS A 303 14.58 4.24 26.97
CA LYS A 303 14.56 2.78 27.01
C LYS A 303 15.04 2.31 25.65
N LYS A 304 15.54 1.08 25.57
CA LYS A 304 16.02 0.58 24.30
C LYS A 304 14.89 0.00 23.45
N CYS A 305 14.92 0.33 22.16
CA CYS A 305 13.89 -0.08 21.21
C CYS A 305 13.75 -1.59 21.15
N GLU A 306 12.49 -2.07 21.21
CA GLU A 306 12.13 -3.49 21.10
C GLU A 306 11.76 -3.75 19.61
N GLY A 307 12.72 -4.28 18.84
CA GLY A 307 12.60 -4.31 17.37
C GLY A 307 13.03 -2.96 16.85
N PRO A 308 12.79 -2.67 15.56
CA PRO A 308 13.18 -1.37 14.98
C PRO A 308 12.48 -0.18 15.65
N CYS A 309 13.20 0.91 15.85
CA CYS A 309 12.63 2.13 16.43
C CYS A 309 11.56 2.73 15.55
N ARG A 310 10.56 3.33 16.18
CA ARG A 310 9.48 4.01 15.47
C ARG A 310 10.14 5.03 14.59
N LYS A 311 9.80 5.01 13.32
CA LYS A 311 10.24 6.01 12.39
C LYS A 311 9.10 6.34 11.45
N VAL A 312 8.86 7.62 11.22
CA VAL A 312 7.72 8.02 10.42
C VAL A 312 8.19 8.52 9.06
N CYS A 313 7.51 8.10 7.99
CA CYS A 313 7.85 8.54 6.62
C CYS A 313 6.61 8.95 5.83
N ASN A 314 6.74 10.02 5.08
CA ASN A 314 5.74 10.43 4.12
C ASN A 314 5.36 9.26 3.18
N GLY A 315 4.09 9.17 2.82
CA GLY A 315 3.69 8.24 1.78
C GLY A 315 4.01 8.75 0.39
N ILE A 316 3.70 7.93 -0.60
CA ILE A 316 3.82 8.36 -1.98
C ILE A 316 2.84 9.48 -2.25
N GLY A 317 3.35 10.58 -2.76
CA GLY A 317 2.48 11.71 -3.04
C GLY A 317 3.00 12.92 -2.33
N ILE A 318 3.34 12.74 -1.06
CA ILE A 318 3.90 13.81 -0.20
C ILE A 318 5.44 13.79 -0.06
N GLY A 319 6.03 14.97 0.17
CA GLY A 319 7.40 15.08 0.69
C GLY A 319 8.43 14.74 -0.34
N GLU A 320 9.42 13.93 0.05
CA GLU A 320 10.42 13.40 -0.90
C GLU A 320 9.72 12.74 -2.10
N PHE A 321 8.50 12.23 -1.86
CA PHE A 321 7.75 11.48 -2.85
C PHE A 321 6.63 12.29 -3.45
N LYS A 322 6.78 13.61 -3.43
CA LYS A 322 5.87 14.49 -4.14
C LYS A 322 5.96 14.15 -5.62
N ASP A 323 4.80 13.96 -6.25
CA ASP A 323 4.72 13.81 -7.71
C ASP A 323 5.16 12.45 -8.20
N SER A 324 5.11 11.46 -7.31
CA SER A 324 5.53 10.12 -7.63
C SER A 324 4.33 9.25 -7.78
N LEU A 325 4.32 8.39 -8.79
CA LEU A 325 3.14 7.56 -9.00
C LEU A 325 3.20 6.33 -8.12
N SER A 326 4.35 5.65 -8.05
CA SER A 326 4.54 4.62 -7.00
C SER A 326 5.90 4.50 -6.33
N ILE A 327 5.95 3.63 -5.33
CA ILE A 327 7.18 3.11 -4.79
C ILE A 327 7.86 2.60 -6.00
N ASN A 328 9.15 2.91 -6.16
CA ASN A 328 9.84 2.61 -7.41
C ASN A 328 11.39 2.62 -7.26
N ALA A 329 12.13 2.26 -8.29
CA ALA A 329 13.56 2.05 -8.13
C ALA A 329 14.29 3.25 -7.52
N THR A 330 13.87 4.44 -7.90
CA THR A 330 14.48 5.66 -7.42
C THR A 330 14.13 5.86 -5.94
N ASN A 331 12.85 5.85 -5.59
CA ASN A 331 12.47 6.31 -4.29
C ASN A 331 12.52 5.28 -3.18
N ILE A 332 12.58 3.98 -3.50
CA ILE A 332 12.32 2.99 -2.45
C ILE A 332 13.33 3.06 -1.33
N LYS A 333 14.60 3.33 -1.63
CA LYS A 333 15.61 3.49 -0.57
C LYS A 333 15.14 4.40 0.59
N HIS A 334 14.42 5.48 0.27
CA HIS A 334 14.03 6.48 1.26
C HIS A 334 13.05 5.89 2.26
N PHE A 335 12.76 4.60 2.12
CA PHE A 335 11.85 3.88 3.02
C PHE A 335 12.51 3.00 4.08
N LYS A 336 13.84 2.91 4.06
CA LYS A 336 14.62 2.03 4.93
C LYS A 336 14.33 2.36 6.35
N ASN A 337 13.90 1.36 7.10
CA ASN A 337 13.68 1.52 8.53
C ASN A 337 12.36 2.18 8.86
N CYS A 338 11.54 2.52 7.87
CA CYS A 338 10.26 3.16 8.20
C CYS A 338 9.40 2.17 8.89
N THR A 339 8.63 2.67 9.82
CA THR A 339 7.84 1.85 10.67
C THR A 339 6.38 2.22 10.49
N SER A 340 6.16 3.50 10.28
CA SER A 340 4.84 4.08 10.11
C SER A 340 4.89 4.98 8.90
N ILE A 341 3.88 4.84 8.05
CA ILE A 341 3.82 5.64 6.86
C ILE A 341 2.68 6.62 6.96
N SER A 342 3.04 7.87 6.81
CA SER A 342 2.06 8.93 6.96
C SER A 342 1.65 9.34 5.54
N GLY A 343 0.53 8.79 5.10
CA GLY A 343 0.15 8.74 3.70
C GLY A 343 -0.08 7.31 3.21
N ASP A 344 0.03 7.18 1.88
CA ASP A 344 -0.43 6.02 1.14
C ASP A 344 0.75 5.32 0.52
N LEU A 345 0.62 4.01 0.32
CA LEU A 345 1.56 3.31 -0.54
C LEU A 345 0.86 2.85 -1.78
N HIS A 346 1.49 3.09 -2.92
CA HIS A 346 1.04 2.62 -4.22
C HIS A 346 2.14 1.76 -4.79
N ILE A 347 1.85 0.51 -5.14
CA ILE A 347 2.81 -0.29 -5.88
C ILE A 347 2.18 -0.62 -7.23
N LEU A 348 2.69 -0.07 -8.31
CA LEU A 348 1.96 -0.15 -9.57
C LEU A 348 2.82 -0.77 -10.66
N PRO A 349 2.20 -1.22 -11.76
CA PRO A 349 3.03 -1.81 -12.81
C PRO A 349 4.21 -0.98 -13.21
N VAL A 350 4.05 0.34 -13.35
CA VAL A 350 5.20 1.19 -13.73
C VAL A 350 6.45 0.87 -12.93
N ALA A 351 6.28 0.62 -11.63
CA ALA A 351 7.40 0.28 -10.76
C ALA A 351 8.27 -0.81 -11.38
N PHE A 352 7.65 -1.85 -11.94
CA PHE A 352 8.41 -2.96 -12.46
C PHE A 352 8.85 -2.81 -13.91
N ARG A 353 8.13 -2.07 -14.76
CA ARG A 353 8.64 -1.84 -16.13
C ARG A 353 9.71 -0.79 -16.12
N GLY A 354 9.60 0.17 -15.20
CA GLY A 354 10.36 1.40 -15.31
C GLY A 354 9.58 2.39 -16.16
N ASP A 355 10.02 3.63 -16.21
CA ASP A 355 9.28 4.67 -16.90
C ASP A 355 10.23 5.68 -17.55
N SER A 356 10.45 5.58 -18.85
CA SER A 356 11.42 6.46 -19.46
C SER A 356 11.00 7.94 -19.30
N PHE A 357 9.70 8.15 -19.13
CA PHE A 357 9.16 9.52 -19.03
C PHE A 357 9.56 10.24 -17.74
N THR A 358 9.55 9.54 -16.62
CA THR A 358 10.09 10.11 -15.41
C THR A 358 11.50 9.63 -15.09
N HIS A 359 12.22 9.08 -16.08
CA HIS A 359 13.62 8.66 -15.94
C HIS A 359 13.96 7.66 -14.85
N THR A 360 13.09 6.65 -14.66
CA THR A 360 13.17 5.72 -13.54
C THR A 360 13.42 4.30 -14.07
N PRO A 361 14.49 3.63 -13.61
CA PRO A 361 14.74 2.26 -14.05
C PRO A 361 13.78 1.24 -13.41
N PRO A 362 13.69 0.03 -13.99
CA PRO A 362 12.85 -1.03 -13.40
C PRO A 362 13.23 -1.27 -11.96
N LEU A 363 12.25 -1.50 -11.10
CA LEU A 363 12.50 -1.80 -9.71
C LEU A 363 12.90 -3.26 -9.53
N ASP A 364 14.03 -3.47 -8.87
CA ASP A 364 14.42 -4.81 -8.41
C ASP A 364 13.44 -5.28 -7.33
N PRO A 365 12.58 -6.24 -7.66
CA PRO A 365 11.55 -6.68 -6.73
C PRO A 365 12.10 -7.12 -5.38
N GLN A 366 13.28 -7.74 -5.37
CA GLN A 366 13.98 -8.02 -4.13
C GLN A 366 13.89 -6.86 -3.14
N GLU A 367 14.00 -5.65 -3.65
CA GLU A 367 14.08 -4.45 -2.82
C GLU A 367 12.84 -4.20 -1.98
N LEU A 368 11.74 -4.82 -2.35
CA LEU A 368 10.54 -4.69 -1.54
C LEU A 368 10.70 -5.23 -0.12
N ASP A 369 11.74 -6.02 0.15
CA ASP A 369 12.06 -6.48 1.52
C ASP A 369 12.15 -5.27 2.46
N ILE A 370 12.59 -4.12 1.93
CA ILE A 370 12.62 -2.82 2.62
C ILE A 370 11.33 -2.47 3.39
N LEU A 371 10.18 -2.78 2.82
CA LEU A 371 8.89 -2.51 3.50
C LEU A 371 8.56 -3.40 4.70
N LYS A 372 9.37 -4.41 4.99
CA LYS A 372 9.07 -5.34 6.09
C LYS A 372 8.98 -4.72 7.47
N THR A 373 9.61 -3.57 7.64
CA THR A 373 9.61 -2.87 8.91
C THR A 373 8.31 -2.10 9.14
N VAL A 374 7.44 -2.04 8.12
CA VAL A 374 6.27 -1.17 8.16
C VAL A 374 5.16 -1.80 8.97
N LYS A 375 4.66 -1.05 9.95
CA LYS A 375 3.64 -1.57 10.83
C LYS A 375 2.31 -0.83 10.70
N GLU A 376 2.35 0.35 10.10
CA GLU A 376 1.23 1.26 10.15
C GLU A 376 1.19 2.05 8.85
N ILE A 377 0.04 1.99 8.18
CA ILE A 377 -0.23 2.90 7.10
C ILE A 377 -1.41 3.77 7.50
N THR A 378 -1.18 5.07 7.40
CA THR A 378 -2.12 6.08 7.88
C THR A 378 -3.27 6.25 6.87
N GLY A 379 -2.91 6.14 5.58
CA GLY A 379 -3.86 6.27 4.46
C GLY A 379 -4.24 4.91 3.92
N PHE A 380 -3.97 4.66 2.65
CA PHE A 380 -4.42 3.44 2.01
C PHE A 380 -3.25 2.67 1.44
N LEU A 381 -3.41 1.37 1.31
CA LEU A 381 -2.42 0.52 0.67
C LEU A 381 -2.89 0.07 -0.71
N LEU A 382 -2.19 0.45 -1.74
CA LEU A 382 -2.65 0.09 -3.09
C LEU A 382 -1.64 -0.78 -3.85
N ILE A 383 -2.02 -2.04 -4.09
CA ILE A 383 -1.11 -2.97 -4.75
C ILE A 383 -1.70 -3.49 -6.08
N GLN A 384 -1.20 -2.95 -7.18
CA GLN A 384 -1.71 -3.30 -8.47
C GLN A 384 -0.67 -4.11 -9.22
N ALA A 385 0.50 -4.29 -8.61
CA ALA A 385 1.58 -5.08 -9.20
C ALA A 385 2.40 -5.71 -8.08
N TRP A 386 3.03 -6.83 -8.38
CA TRP A 386 3.75 -7.58 -7.38
C TRP A 386 4.57 -8.66 -8.07
N PRO A 387 5.79 -8.97 -7.59
CA PRO A 387 6.57 -9.94 -8.37
C PRO A 387 5.79 -11.27 -8.48
N GLU A 388 5.69 -11.79 -9.69
CA GLU A 388 4.81 -12.94 -9.97
C GLU A 388 5.23 -14.24 -9.32
N ASN A 389 6.52 -14.36 -9.00
CA ASN A 389 7.02 -15.58 -8.40
C ASN A 389 7.02 -15.48 -6.90
N ARG A 390 6.24 -14.56 -6.37
CA ARG A 390 6.13 -14.39 -4.95
C ARG A 390 4.75 -14.75 -4.47
N THR A 391 4.70 -15.68 -3.53
CA THR A 391 3.45 -16.35 -3.17
C THR A 391 2.41 -15.50 -2.42
N ASP A 392 2.87 -14.48 -1.72
CA ASP A 392 1.98 -13.63 -0.95
C ASP A 392 2.55 -12.25 -0.81
N LEU A 393 1.94 -11.42 0.02
CA LEU A 393 2.40 -10.04 0.16
C LEU A 393 3.50 -9.98 1.24
N HIS A 394 4.65 -10.56 0.91
CA HIS A 394 5.69 -10.89 1.91
C HIS A 394 6.22 -9.61 2.58
N ALA A 395 6.32 -8.54 1.81
CA ALA A 395 6.87 -7.31 2.33
C ALA A 395 5.98 -6.65 3.38
N PHE A 396 4.72 -7.10 3.54
CA PHE A 396 3.78 -6.52 4.50
C PHE A 396 3.38 -7.45 5.64
N GLU A 397 4.18 -8.49 5.83
CA GLU A 397 3.96 -9.44 6.92
C GLU A 397 3.91 -8.82 8.35
N ASN A 398 4.41 -7.59 8.49
CA ASN A 398 4.33 -6.94 9.80
C ASN A 398 3.37 -5.74 9.88
N LEU A 399 2.62 -5.52 8.79
CA LEU A 399 1.60 -4.51 8.77
C LEU A 399 0.51 -4.78 9.81
N GLU A 400 0.33 -3.83 10.71
CA GLU A 400 -0.62 -4.07 11.79
C GLU A 400 -1.96 -3.38 11.62
N ILE A 401 -1.95 -2.26 10.89
CA ILE A 401 -3.08 -1.34 10.77
C ILE A 401 -2.96 -0.47 9.52
N ILE A 402 -4.04 -0.40 8.77
CA ILE A 402 -4.17 0.57 7.70
C ILE A 402 -5.22 1.52 8.23
N ARG A 403 -4.89 2.80 8.43
CA ARG A 403 -5.92 3.66 9.11
C ARG A 403 -6.95 4.16 8.12
N GLY A 404 -6.53 4.33 6.87
CA GLY A 404 -7.42 4.73 5.81
C GLY A 404 -7.97 6.13 6.01
N ARG A 405 -7.14 7.01 6.54
CA ARG A 405 -7.47 8.44 6.62
C ARG A 405 -7.66 9.05 5.21
N THR A 406 -6.69 8.89 4.33
CA THR A 406 -6.92 9.14 2.92
C THR A 406 -7.30 7.79 2.27
N LYS A 407 -8.06 7.80 1.17
CA LYS A 407 -8.49 6.54 0.48
C LYS A 407 -8.38 6.68 -1.03
N GLN A 408 -8.12 5.59 -1.76
CA GLN A 408 -8.11 5.71 -3.22
C GLN A 408 -9.53 6.04 -3.70
N HIS A 409 -9.58 7.07 -4.57
CA HIS A 409 -10.79 7.59 -5.14
C HIS A 409 -11.82 7.86 -4.06
N GLY A 410 -11.35 8.18 -2.86
CA GLY A 410 -12.24 8.44 -1.73
C GLY A 410 -12.86 7.17 -1.17
N GLN A 411 -12.43 6.01 -1.65
CA GLN A 411 -13.12 4.78 -1.29
C GLN A 411 -12.26 3.78 -0.56
N PHE A 412 -11.30 3.21 -1.27
CA PHE A 412 -10.61 2.05 -0.81
C PHE A 412 -9.49 2.37 0.18
N SER A 413 -9.43 1.65 1.30
CA SER A 413 -8.25 1.72 2.16
C SER A 413 -7.23 0.61 1.93
N LEU A 414 -7.67 -0.50 1.34
CA LEU A 414 -6.81 -1.60 0.90
C LEU A 414 -7.26 -2.11 -0.45
N ALA A 415 -6.44 -1.99 -1.48
CA ALA A 415 -6.80 -2.48 -2.80
C ALA A 415 -5.75 -3.42 -3.35
N VAL A 416 -6.11 -4.68 -3.56
CA VAL A 416 -5.22 -5.68 -4.18
C VAL A 416 -5.78 -6.22 -5.49
N VAL A 417 -5.12 -5.97 -6.61
CA VAL A 417 -5.78 -6.18 -7.90
C VAL A 417 -4.91 -6.82 -8.95
N SER A 418 -5.33 -8.02 -9.40
CA SER A 418 -4.72 -8.73 -10.50
C SER A 418 -3.28 -9.13 -10.21
N LEU A 419 -3.07 -9.76 -9.07
CA LEU A 419 -1.72 -10.27 -8.75
C LEU A 419 -1.65 -11.78 -8.95
N ASN A 420 -0.45 -12.35 -8.85
CA ASN A 420 -0.29 -13.77 -8.98
C ASN A 420 -0.31 -14.43 -7.63
N ILE A 421 -0.48 -13.67 -6.53
CA ILE A 421 -0.39 -14.24 -5.17
C ILE A 421 -1.36 -15.39 -4.90
N THR A 422 -1.09 -16.12 -3.83
CA THR A 422 -1.88 -17.29 -3.45
C THR A 422 -2.59 -17.02 -2.13
N SER A 423 -1.89 -16.33 -1.23
CA SER A 423 -2.50 -15.90 0.01
C SER A 423 -2.25 -14.42 0.14
N LEU A 424 -2.98 -13.77 1.04
CA LEU A 424 -2.71 -12.35 1.26
C LEU A 424 -1.36 -12.21 2.02
N GLY A 425 -1.17 -13.05 3.02
CA GLY A 425 0.04 -13.01 3.82
C GLY A 425 0.02 -11.93 4.89
N LEU A 426 -1.12 -11.25 5.03
CA LEU A 426 -1.25 -10.11 5.91
C LEU A 426 -1.55 -10.56 7.34
N ARG A 427 -0.64 -11.35 7.90
CA ARG A 427 -0.94 -11.99 9.19
C ARG A 427 -0.87 -11.07 10.40
N SER A 428 -0.30 -9.89 10.24
CA SER A 428 -0.22 -8.95 11.35
C SER A 428 -1.36 -7.94 11.35
N LEU A 429 -2.13 -7.88 10.25
CA LEU A 429 -3.14 -6.86 10.09
C LEU A 429 -4.31 -7.14 10.97
N LYS A 430 -4.53 -6.27 11.93
CA LYS A 430 -5.52 -6.51 12.92
C LYS A 430 -6.47 -5.34 12.91
N GLU A 431 -6.24 -4.35 12.05
CA GLU A 431 -7.17 -3.25 11.98
C GLU A 431 -7.10 -2.57 10.67
N ILE A 432 -8.28 -2.30 10.10
CA ILE A 432 -8.43 -1.34 8.99
C ILE A 432 -9.46 -0.35 9.49
N SER A 433 -8.99 0.84 9.88
CA SER A 433 -9.82 1.85 10.55
C SER A 433 -11.01 2.38 9.72
N ASP A 434 -10.75 2.74 8.48
CA ASP A 434 -11.77 3.31 7.64
C ASP A 434 -11.49 2.86 6.21
N GLY A 435 -12.40 3.14 5.29
CA GLY A 435 -12.20 2.77 3.90
C GLY A 435 -12.70 1.37 3.59
N ASP A 436 -12.71 1.03 2.31
CA ASP A 436 -13.21 -0.24 1.87
C ASP A 436 -12.11 -1.15 1.30
N VAL A 437 -12.29 -2.45 1.46
CA VAL A 437 -11.35 -3.40 0.91
C VAL A 437 -11.85 -3.87 -0.44
N ILE A 438 -10.96 -3.92 -1.40
CA ILE A 438 -11.22 -4.55 -2.67
C ILE A 438 -10.09 -5.47 -3.12
N ILE A 439 -10.47 -6.73 -3.30
CA ILE A 439 -9.53 -7.77 -3.65
C ILE A 439 -10.07 -8.44 -4.88
N SER A 440 -9.46 -8.13 -6.02
CA SER A 440 -10.09 -8.45 -7.29
C SER A 440 -9.15 -8.98 -8.36
N GLY A 441 -9.60 -10.02 -9.04
CA GLY A 441 -8.86 -10.44 -10.20
C GLY A 441 -7.56 -11.11 -9.85
N ASN A 442 -7.46 -11.68 -8.68
CA ASN A 442 -6.29 -12.45 -8.30
C ASN A 442 -6.58 -13.93 -8.52
N LYS A 443 -6.18 -14.46 -9.67
CA LYS A 443 -6.72 -15.74 -10.11
C LYS A 443 -6.24 -16.95 -9.33
N ASN A 444 -5.19 -16.77 -8.54
CA ASN A 444 -4.67 -17.83 -7.68
C ASN A 444 -4.94 -17.55 -6.22
N LEU A 445 -5.69 -16.48 -5.94
CA LEU A 445 -5.77 -16.04 -4.58
C LEU A 445 -6.76 -16.87 -3.81
N CYS A 446 -6.30 -17.44 -2.71
CA CYS A 446 -7.18 -18.18 -1.82
C CYS A 446 -7.23 -17.48 -0.50
N TYR A 447 -8.05 -18.02 0.39
CA TYR A 447 -8.08 -17.73 1.82
C TYR A 447 -8.89 -16.50 2.21
N ALA A 448 -9.01 -15.57 1.27
CA ALA A 448 -9.54 -14.25 1.57
C ALA A 448 -10.91 -14.25 2.23
N ASN A 449 -11.72 -15.28 1.93
CA ASN A 449 -13.09 -15.35 2.41
C ASN A 449 -13.17 -15.92 3.79
N THR A 450 -12.13 -16.64 4.19
CA THR A 450 -12.16 -17.28 5.51
C THR A 450 -12.10 -16.24 6.63
N ILE A 451 -11.51 -15.08 6.32
CA ILE A 451 -11.45 -13.93 7.24
C ILE A 451 -12.80 -13.26 7.46
N ASN A 452 -13.08 -12.90 8.69
CA ASN A 452 -14.20 -12.02 8.98
C ASN A 452 -13.73 -10.56 8.97
N TRP A 453 -13.77 -9.96 7.80
CA TRP A 453 -13.28 -8.60 7.64
C TRP A 453 -13.93 -7.57 8.54
N LYS A 454 -15.10 -7.89 9.09
CA LYS A 454 -15.86 -6.92 9.85
C LYS A 454 -15.19 -6.65 11.21
N LYS A 455 -14.30 -7.55 11.61
CA LYS A 455 -13.56 -7.48 12.87
C LYS A 455 -12.38 -6.50 12.77
N LEU A 456 -11.85 -6.34 11.56
CA LEU A 456 -10.80 -5.35 11.34
C LEU A 456 -11.38 -3.96 11.21
N PHE A 457 -12.68 -3.86 11.00
CA PHE A 457 -13.27 -2.60 10.65
C PHE A 457 -13.55 -1.76 11.89
N GLY A 458 -13.54 -0.45 11.75
CA GLY A 458 -13.85 0.45 12.87
C GLY A 458 -15.14 1.24 12.69
N THR A 459 -15.51 1.40 11.44
CA THR A 459 -16.64 2.20 11.00
C THR A 459 -17.62 1.19 10.40
N SER A 460 -18.89 1.34 10.71
CA SER A 460 -19.84 0.29 10.39
C SER A 460 -20.28 0.27 8.94
N GLY A 461 -19.92 1.30 8.18
CA GLY A 461 -20.27 1.30 6.77
C GLY A 461 -19.24 0.71 5.82
N GLN A 462 -18.09 0.28 6.33
CA GLN A 462 -17.02 -0.22 5.45
C GLN A 462 -17.43 -1.51 4.73
N LYS A 463 -17.12 -1.59 3.44
CA LYS A 463 -17.52 -2.74 2.61
C LYS A 463 -16.30 -3.55 2.16
N THR A 464 -16.58 -4.79 1.81
CA THR A 464 -15.60 -5.68 1.26
C THR A 464 -16.06 -6.04 -0.12
N LYS A 465 -15.13 -6.20 -1.06
CA LYS A 465 -15.42 -6.74 -2.37
C LYS A 465 -14.32 -7.67 -2.80
N ILE A 466 -14.57 -8.95 -2.65
CA ILE A 466 -13.62 -9.97 -2.91
C ILE A 466 -14.25 -10.69 -4.06
N ILE A 467 -13.70 -10.47 -5.26
CA ILE A 467 -14.35 -10.84 -6.49
C ILE A 467 -13.35 -11.31 -7.53
N SER A 468 -13.74 -12.39 -8.20
CA SER A 468 -13.00 -12.91 -9.30
C SER A 468 -11.57 -13.30 -8.91
N ASN A 469 -11.48 -14.07 -7.84
CA ASN A 469 -10.24 -14.69 -7.41
C ASN A 469 -10.37 -16.18 -7.65
N ARG A 470 -9.46 -17.00 -7.17
CA ARG A 470 -9.72 -18.44 -7.24
C ARG A 470 -10.87 -18.78 -6.32
N GLY A 471 -11.81 -19.58 -6.79
CA GLY A 471 -13.01 -19.89 -6.01
C GLY A 471 -12.80 -20.69 -4.73
N GLU A 472 -13.66 -20.43 -3.74
CA GLU A 472 -13.85 -21.28 -2.57
C GLU A 472 -13.77 -22.76 -2.94
N ASN A 473 -14.50 -23.11 -3.99
CA ASN A 473 -14.58 -24.47 -4.49
C ASN A 473 -13.19 -25.02 -4.82
N LYS A 474 -12.48 -24.29 -5.67
CA LYS A 474 -11.20 -24.74 -6.21
C LYS A 474 -10.17 -24.91 -5.11
N CYS A 475 -10.03 -23.88 -4.25
CA CYS A 475 -9.06 -23.91 -3.15
C CYS A 475 -9.30 -25.11 -2.29
N LYS A 476 -10.56 -25.30 -1.90
CA LYS A 476 -10.96 -26.43 -1.05
C LYS A 476 -10.57 -27.73 -1.73
N ALA A 477 -10.90 -27.82 -3.02
CA ALA A 477 -10.58 -29.00 -3.82
C ALA A 477 -9.06 -29.29 -3.88
N THR A 478 -8.22 -28.28 -3.70
CA THR A 478 -6.75 -28.48 -3.74
C THR A 478 -6.05 -28.48 -2.38
N GLY A 479 -6.82 -28.45 -1.30
CA GLY A 479 -6.27 -28.39 0.06
C GLY A 479 -5.75 -27.02 0.48
N GLN A 480 -5.99 -25.99 -0.33
CA GLN A 480 -5.50 -24.66 0.03
C GLN A 480 -6.51 -23.95 0.94
N VAL A 481 -6.48 -24.36 2.19
CA VAL A 481 -7.55 -24.14 3.13
C VAL A 481 -6.94 -23.90 4.51
N CYS A 482 -7.68 -23.25 5.41
CA CYS A 482 -7.20 -22.95 6.76
C CYS A 482 -6.63 -24.12 7.48
N HIS A 483 -5.35 -24.01 7.87
CA HIS A 483 -4.66 -25.06 8.64
C HIS A 483 -5.53 -25.61 9.79
N ALA A 484 -5.29 -26.86 10.14
CA ALA A 484 -5.99 -27.53 11.28
C ALA A 484 -5.89 -26.76 12.62
N LEU A 485 -4.72 -26.21 12.93
CA LEU A 485 -4.49 -25.51 14.21
C LEU A 485 -5.15 -24.14 14.30
N CYS A 486 -5.87 -23.73 13.25
CA CYS A 486 -6.61 -22.46 13.31
C CYS A 486 -8.02 -22.66 13.80
N SER A 487 -8.51 -21.70 14.58
CA SER A 487 -9.90 -21.59 14.96
C SER A 487 -10.77 -21.31 13.74
N PRO A 488 -12.10 -21.38 13.91
CA PRO A 488 -12.98 -21.01 12.79
C PRO A 488 -12.91 -19.54 12.42
N GLU A 489 -11.88 -18.82 12.87
CA GLU A 489 -11.76 -17.38 12.60
C GLU A 489 -10.94 -17.02 11.36
N GLY A 490 -10.41 -18.01 10.63
CA GLY A 490 -9.82 -17.76 9.31
C GLY A 490 -8.31 -17.69 9.15
N CYS A 491 -7.87 -17.46 7.92
CA CYS A 491 -6.50 -17.63 7.48
C CYS A 491 -6.04 -16.37 6.85
N TRP A 492 -4.73 -16.14 6.78
CA TRP A 492 -4.14 -15.26 5.80
C TRP A 492 -3.27 -16.04 4.84
N GLY A 493 -3.42 -17.36 4.89
CA GLY A 493 -2.58 -18.29 4.17
C GLY A 493 -2.58 -19.69 4.77
N PRO A 494 -1.70 -20.56 4.21
CA PRO A 494 -1.83 -21.98 4.58
C PRO A 494 -1.28 -22.17 5.98
N GLU A 495 -0.09 -21.62 6.24
CA GLU A 495 0.70 -21.89 7.46
C GLU A 495 0.02 -21.65 8.84
N PRO A 496 0.47 -22.35 9.90
CA PRO A 496 -0.16 -22.11 11.22
C PRO A 496 0.04 -20.71 11.80
N ARG A 497 1.09 -20.00 11.41
CA ARG A 497 1.24 -18.60 11.82
C ARG A 497 0.38 -17.65 10.99
N ASP A 498 -0.41 -18.21 10.08
CA ASP A 498 -1.30 -17.45 9.24
C ASP A 498 -2.69 -17.23 9.84
N CYS A 499 -3.07 -17.99 10.89
CA CYS A 499 -4.42 -17.90 11.45
C CYS A 499 -4.69 -16.59 12.18
N VAL A 500 -5.96 -16.20 12.16
CA VAL A 500 -6.47 -15.11 12.99
C VAL A 500 -6.39 -15.52 14.47
N SER A 501 -6.73 -16.78 14.79
CA SER A 501 -6.62 -17.29 16.18
C SER A 501 -6.56 -18.82 16.21
N CYS A 502 -5.92 -19.38 17.23
CA CYS A 502 -5.66 -20.83 17.29
C CYS A 502 -6.80 -21.58 17.95
N ARG A 503 -6.96 -22.87 17.65
CA ARG A 503 -8.05 -23.62 18.30
C ARG A 503 -7.59 -24.08 19.69
N ASN A 504 -6.27 -24.14 19.86
CA ASN A 504 -5.66 -24.61 21.10
C ASN A 504 -4.83 -23.51 21.75
N VAL A 505 -3.55 -23.43 21.37
CA VAL A 505 -2.59 -22.56 22.06
C VAL A 505 -1.68 -21.90 21.05
N SER A 506 -0.91 -20.91 21.48
CA SER A 506 0.06 -20.26 20.59
C SER A 506 1.40 -20.01 21.25
N ARG A 507 2.48 -20.17 20.49
CA ARG A 507 3.80 -19.69 20.89
C ARG A 507 3.87 -18.17 20.75
N GLY A 508 4.56 -17.73 19.71
CA GLY A 508 4.62 -16.32 19.42
C GLY A 508 3.43 -16.02 18.56
N ARG A 509 3.68 -15.86 17.27
CA ARG A 509 2.65 -15.61 16.28
C ARG A 509 2.09 -16.95 15.78
N GLU A 510 2.69 -18.05 16.22
CA GLU A 510 2.36 -19.36 15.63
C GLU A 510 1.36 -20.15 16.44
N CYS A 511 0.52 -20.90 15.74
CA CYS A 511 -0.46 -21.74 16.41
C CYS A 511 0.07 -23.14 16.59
N VAL A 512 -0.23 -23.70 17.75
CA VAL A 512 0.22 -25.02 18.14
C VAL A 512 -0.89 -25.78 18.91
N ASP A 513 -0.72 -27.09 19.03
CA ASP A 513 -1.72 -27.95 19.66
C ASP A 513 -1.56 -28.02 21.18
N LYS A 514 -0.32 -27.93 21.64
CA LYS A 514 -0.07 -27.87 23.08
C LYS A 514 1.24 -27.17 23.38
N CYS A 515 1.29 -26.57 24.56
CA CYS A 515 2.52 -25.97 25.04
C CYS A 515 3.49 -27.05 25.49
N LYS A 516 4.72 -26.64 25.77
CA LYS A 516 5.71 -27.56 26.26
C LYS A 516 5.70 -27.65 27.80
N LEU A 517 4.53 -27.93 28.35
CA LEU A 517 4.39 -28.40 29.74
C LEU A 517 4.75 -29.88 29.79
N LEU A 518 5.77 -30.25 30.57
CA LEU A 518 6.08 -31.67 30.83
C LEU A 518 7.08 -32.33 29.85
N GLU A 519 7.41 -31.62 28.78
CA GLU A 519 8.32 -32.14 27.75
C GLU A 519 8.60 -31.00 26.77
N GLY A 520 9.82 -30.89 26.24
CA GLY A 520 10.13 -29.84 25.28
C GLY A 520 11.43 -29.07 25.56
N GLU A 521 11.91 -28.32 24.56
CA GLU A 521 13.16 -27.52 24.66
C GLU A 521 13.02 -26.49 25.72
N PRO A 522 12.39 -25.34 25.43
CA PRO A 522 12.12 -24.45 26.50
C PRO A 522 10.82 -24.89 27.12
N ARG A 523 10.84 -25.30 28.38
CA ARG A 523 9.63 -25.69 29.09
C ARG A 523 8.83 -24.42 29.32
N GLU A 524 7.50 -24.55 29.34
CA GLU A 524 6.62 -23.40 29.33
C GLU A 524 5.45 -23.59 30.27
N PHE A 525 4.76 -22.48 30.57
CA PHE A 525 3.43 -22.51 31.16
C PHE A 525 2.46 -21.80 30.20
N VAL A 526 1.17 -21.82 30.53
CA VAL A 526 0.14 -21.25 29.66
C VAL A 526 -0.63 -20.15 30.36
N GLU A 527 -1.09 -19.19 29.56
CA GLU A 527 -2.01 -18.16 30.02
C GLU A 527 -2.62 -17.45 28.80
N ASN A 528 -3.95 -17.49 28.75
CA ASN A 528 -4.71 -16.93 27.65
C ASN A 528 -4.19 -17.63 26.40
N SER A 529 -4.21 -18.96 26.46
CA SER A 529 -3.83 -19.81 25.32
C SER A 529 -2.48 -19.47 24.73
N GLU A 530 -1.61 -18.89 25.55
CA GLU A 530 -0.26 -18.57 25.12
C GLU A 530 0.77 -19.41 25.88
N CYS A 531 1.82 -19.81 25.18
CA CYS A 531 2.90 -20.56 25.76
C CYS A 531 4.05 -19.62 26.05
N ILE A 532 4.23 -19.34 27.34
CA ILE A 532 5.27 -18.47 27.83
C ILE A 532 6.40 -19.29 28.44
N GLN A 533 7.65 -19.00 28.04
CA GLN A 533 8.84 -19.73 28.51
C GLN A 533 9.09 -19.60 29.99
N CYS A 534 9.62 -20.66 30.59
CA CYS A 534 10.05 -20.60 31.99
C CYS A 534 11.37 -19.87 32.06
N HIS A 535 11.55 -19.08 33.12
CA HIS A 535 12.80 -18.37 33.33
C HIS A 535 14.00 -19.35 33.18
N PRO A 536 15.07 -18.93 32.48
CA PRO A 536 16.10 -19.87 32.03
C PRO A 536 16.86 -20.54 33.17
N GLU A 537 16.67 -20.02 34.39
CA GLU A 537 17.27 -20.59 35.60
C GLU A 537 16.39 -21.60 36.36
N CYS A 538 15.30 -22.08 35.76
CA CYS A 538 14.59 -23.24 36.32
C CYS A 538 15.05 -24.51 35.61
N LEU A 539 15.30 -25.57 36.39
CA LEU A 539 15.63 -26.90 35.86
C LEU A 539 14.44 -27.61 35.23
N PRO A 540 14.57 -28.03 33.96
CA PRO A 540 13.63 -28.97 33.34
C PRO A 540 13.44 -30.19 34.24
N GLN A 541 12.18 -30.42 34.61
CA GLN A 541 11.80 -31.54 35.46
C GLN A 541 11.35 -32.69 34.59
N ALA A 542 11.50 -33.91 35.09
CA ALA A 542 11.05 -35.10 34.36
C ALA A 542 9.54 -35.30 34.50
N MET A 543 9.06 -35.34 35.74
CA MET A 543 7.70 -35.81 36.03
C MET A 543 6.56 -34.80 35.89
N ASN A 544 6.69 -33.67 36.62
CA ASN A 544 5.68 -32.59 36.61
C ASN A 544 6.15 -31.34 35.86
N ILE A 545 5.35 -30.27 35.95
CA ILE A 545 5.63 -28.97 35.34
C ILE A 545 6.98 -28.39 35.79
N THR A 546 7.53 -27.46 35.01
CA THR A 546 8.83 -26.88 35.29
C THR A 546 8.75 -25.46 35.87
N CYS A 547 7.53 -24.94 36.00
CA CYS A 547 7.31 -23.58 36.54
C CYS A 547 5.84 -23.17 36.57
N THR A 548 5.52 -22.10 37.31
CA THR A 548 4.13 -21.62 37.42
C THR A 548 3.95 -20.20 36.94
N GLY A 549 5.00 -19.61 36.36
CA GLY A 549 4.96 -18.20 36.01
C GLY A 549 6.30 -17.68 35.57
N ARG A 550 6.39 -16.35 35.47
CA ARG A 550 7.50 -15.70 34.79
C ARG A 550 8.79 -15.60 35.59
N GLY A 551 8.67 -15.26 36.86
CA GLY A 551 9.84 -14.87 37.63
C GLY A 551 10.89 -15.95 37.75
N PRO A 552 12.06 -15.58 38.28
CA PRO A 552 12.95 -16.54 38.93
C PRO A 552 12.39 -16.99 40.29
N ASP A 553 11.13 -16.64 40.57
CA ASP A 553 10.49 -17.07 41.81
C ASP A 553 9.59 -18.26 41.59
N ASN A 554 9.26 -18.51 40.34
CA ASN A 554 8.28 -19.52 40.01
C ASN A 554 8.87 -20.75 39.35
N CYS A 555 10.11 -21.06 39.72
CA CYS A 555 10.69 -22.36 39.40
C CYS A 555 10.24 -23.39 40.41
N ILE A 556 10.09 -24.62 39.95
CA ILE A 556 9.95 -25.72 40.88
C ILE A 556 11.29 -25.90 41.59
N GLN A 557 12.38 -25.78 40.84
CA GLN A 557 13.71 -26.18 41.27
C GLN A 557 14.77 -25.35 40.55
N CYS A 558 15.75 -24.82 41.31
CA CYS A 558 16.76 -23.92 40.74
C CYS A 558 17.89 -24.64 40.02
N ALA A 559 18.06 -24.31 38.74
CA ALA A 559 19.09 -24.89 37.89
C ALA A 559 20.53 -24.77 38.40
N HIS A 560 20.82 -23.74 39.19
CA HIS A 560 22.18 -23.52 39.71
C HIS A 560 22.16 -23.14 41.18
N TYR A 561 22.17 -21.84 41.47
CA TYR A 561 22.16 -21.36 42.86
C TYR A 561 20.85 -20.67 43.21
N ILE A 562 20.65 -20.45 44.51
CA ILE A 562 19.45 -19.79 45.02
C ILE A 562 19.79 -18.68 46.01
N ASP A 563 19.13 -17.55 45.82
CA ASP A 563 19.38 -16.33 46.56
C ASP A 563 18.02 -15.88 47.03
N GLY A 564 17.79 -15.95 48.34
CA GLY A 564 16.44 -15.78 48.89
C GLY A 564 15.44 -16.64 48.16
N PRO A 565 14.37 -16.01 47.62
CA PRO A 565 13.37 -16.75 46.87
C PRO A 565 13.70 -16.84 45.38
N HIS A 566 14.79 -16.23 44.93
CA HIS A 566 15.12 -16.21 43.51
C HIS A 566 16.16 -17.26 43.18
N CYS A 567 16.01 -17.95 42.05
CA CYS A 567 17.11 -18.74 41.50
C CYS A 567 17.99 -17.84 40.68
N VAL A 568 19.30 -17.91 40.89
CA VAL A 568 20.18 -17.14 40.03
C VAL A 568 21.23 -18.02 39.37
N LYS A 569 21.80 -17.54 38.28
CA LYS A 569 22.95 -18.19 37.63
C LYS A 569 24.23 -18.21 38.49
N THR A 570 24.53 -17.11 39.17
CA THR A 570 25.63 -17.06 40.13
C THR A 570 25.13 -16.36 41.38
N CYS A 571 25.82 -16.51 42.50
CA CYS A 571 25.49 -15.65 43.64
C CYS A 571 25.93 -14.21 43.35
N PRO A 572 25.22 -13.22 43.93
CA PRO A 572 25.61 -11.82 43.81
C PRO A 572 27.08 -11.65 44.19
N ALA A 573 27.87 -11.06 43.30
CA ALA A 573 29.30 -10.92 43.56
C ALA A 573 29.81 -9.56 43.11
N GLY A 574 29.93 -8.65 44.07
CA GLY A 574 30.46 -7.32 43.80
C GLY A 574 29.43 -6.35 43.25
N VAL A 575 28.17 -6.61 43.58
CA VAL A 575 27.06 -5.71 43.29
C VAL A 575 27.16 -4.53 44.25
N MET A 576 26.73 -3.35 43.82
CA MET A 576 26.76 -2.17 44.69
C MET A 576 25.67 -2.21 45.76
N GLY A 577 26.07 -1.99 47.01
CA GLY A 577 25.14 -2.04 48.14
C GLY A 577 25.11 -0.75 48.96
N GLU A 578 24.55 -0.85 50.16
CA GLU A 578 24.37 0.29 51.07
C GLU A 578 25.68 1.02 51.36
N ASN A 579 25.59 2.26 51.84
CA ASN A 579 26.72 2.96 52.48
C ASN A 579 27.97 2.94 51.60
N ASN A 580 27.76 2.80 50.30
CA ASN A 580 28.77 2.31 49.36
C ASN A 580 29.66 1.15 49.90
N THR A 581 29.00 0.10 50.39
CA THR A 581 29.64 -1.18 50.69
C THR A 581 29.20 -2.15 49.58
N LEU A 582 30.14 -2.49 48.70
CA LEU A 582 29.96 -3.55 47.70
C LEU A 582 29.54 -4.84 48.42
N VAL A 583 28.79 -5.70 47.73
CA VAL A 583 28.14 -6.87 48.35
C VAL A 583 28.61 -8.20 47.76
N TRP A 584 28.99 -9.14 48.64
CA TRP A 584 29.52 -10.44 48.21
C TRP A 584 28.84 -11.63 48.87
N LYS A 585 28.43 -12.60 48.05
CA LYS A 585 27.80 -13.81 48.54
C LYS A 585 28.51 -15.06 48.06
N TYR A 586 28.46 -16.10 48.90
CA TYR A 586 28.95 -17.43 48.53
C TYR A 586 27.79 -18.41 48.54
N ALA A 587 28.00 -19.55 47.89
CA ALA A 587 27.02 -20.60 47.84
C ALA A 587 27.45 -21.76 48.70
N ASP A 588 26.64 -22.08 49.70
CA ASP A 588 26.92 -23.17 50.62
C ASP A 588 26.75 -24.55 49.96
N ALA A 589 26.70 -25.57 50.80
CA ALA A 589 26.44 -26.96 50.42
C ALA A 589 25.18 -27.11 49.55
N GLY A 590 24.06 -26.55 50.02
CA GLY A 590 22.78 -26.61 49.30
C GLY A 590 22.72 -25.64 48.12
N HIS A 591 23.88 -25.09 47.77
CA HIS A 591 24.02 -24.07 46.71
C HIS A 591 23.05 -22.87 46.93
N VAL A 592 23.05 -22.39 48.18
CA VAL A 592 22.21 -21.29 48.68
C VAL A 592 23.15 -20.13 49.04
N CYS A 593 22.81 -18.92 48.62
CA CYS A 593 23.69 -17.78 48.81
C CYS A 593 23.53 -17.16 50.18
N HIS A 594 24.66 -16.87 50.83
CA HIS A 594 24.71 -16.10 52.08
C HIS A 594 25.81 -15.04 51.97
N LEU A 595 25.67 -13.97 52.75
CA LEU A 595 26.67 -12.90 52.79
C LEU A 595 28.05 -13.40 53.20
N CYS A 596 29.08 -12.84 52.58
CA CYS A 596 30.46 -13.07 53.01
C CYS A 596 30.74 -12.24 54.28
N HIS A 597 31.89 -12.52 54.91
CA HIS A 597 32.37 -11.67 56.00
C HIS A 597 32.48 -10.27 55.43
N PRO A 598 31.96 -9.27 56.17
CA PRO A 598 32.13 -7.89 55.71
C PRO A 598 33.56 -7.59 55.25
N ASN A 599 34.54 -8.25 55.87
CA ASN A 599 35.95 -7.98 55.60
C ASN A 599 36.54 -8.47 54.28
N CYS A 600 35.90 -9.44 53.61
CA CYS A 600 36.43 -9.98 52.35
C CYS A 600 36.26 -9.02 51.21
N THR A 601 37.24 -8.12 51.04
CA THR A 601 37.18 -7.08 50.00
C THR A 601 36.88 -7.62 48.58
N TYR A 602 37.15 -8.90 48.34
CA TYR A 602 37.14 -9.41 46.97
C TYR A 602 36.24 -10.59 46.71
N GLY A 603 35.26 -10.79 47.59
CA GLY A 603 34.40 -11.96 47.51
C GLY A 603 34.92 -13.09 48.37
N CYS A 604 34.20 -14.21 48.38
CA CYS A 604 34.55 -15.34 49.24
C CYS A 604 34.03 -16.68 48.75
N THR A 605 34.60 -17.74 49.28
CA THR A 605 34.21 -19.10 48.94
C THR A 605 33.49 -19.81 50.08
N GLY A 606 33.69 -19.34 51.31
CA GLY A 606 33.03 -19.89 52.49
C GLY A 606 32.60 -18.81 53.47
N PRO A 607 32.11 -19.20 54.66
CA PRO A 607 31.75 -18.24 55.70
C PRO A 607 32.97 -17.68 56.44
N GLY A 608 32.85 -16.45 56.95
CA GLY A 608 33.92 -15.79 57.72
C GLY A 608 35.24 -15.54 56.98
N LEU A 609 36.25 -15.08 57.72
CA LEU A 609 37.63 -14.92 57.21
C LEU A 609 38.21 -16.26 56.72
N ARG A 610 37.69 -17.35 57.30
CA ARG A 610 37.96 -18.72 56.85
C ARG A 610 37.37 -19.00 55.44
N GLY A 611 37.08 -17.95 54.69
CA GLY A 611 36.47 -18.08 53.37
C GLY A 611 37.10 -17.23 52.28
N CYS A 612 38.03 -16.36 52.66
CA CYS A 612 38.75 -15.53 51.69
C CYS A 612 40.23 -15.42 52.09
N PRO A 613 41.02 -16.48 51.81
CA PRO A 613 42.40 -16.57 52.32
C PRO A 613 43.36 -15.53 51.72
N THR A 614 44.37 -15.16 52.52
CA THR A 614 45.44 -14.24 52.12
C THR A 614 46.78 -14.73 52.66
N ASP B 1 -14.86 -25.73 -12.63
CA ASP B 1 -15.40 -24.47 -13.24
C ASP B 1 -16.85 -24.17 -12.88
N ILE B 2 -17.16 -22.89 -12.76
CA ILE B 2 -18.47 -22.50 -12.34
C ILE B 2 -19.39 -22.50 -13.56
N LEU B 3 -20.50 -23.23 -13.43
CA LEU B 3 -21.54 -23.23 -14.45
C LEU B 3 -22.69 -22.30 -14.08
N LEU B 4 -23.17 -21.56 -15.06
CA LEU B 4 -24.37 -20.73 -14.88
C LEU B 4 -25.45 -21.16 -15.86
N THR B 5 -26.55 -21.65 -15.32
CA THR B 5 -27.60 -22.25 -16.08
C THR B 5 -28.81 -21.33 -16.01
N GLN B 6 -29.14 -20.71 -17.13
CA GLN B 6 -30.36 -19.90 -17.20
C GLN B 6 -31.52 -20.73 -17.74
N SER B 7 -32.74 -20.36 -17.36
CA SER B 7 -33.93 -21.12 -17.71
C SER B 7 -35.16 -20.24 -17.49
N PRO B 8 -36.24 -20.42 -18.31
CA PRO B 8 -36.35 -21.28 -19.49
C PRO B 8 -35.52 -20.74 -20.62
N VAL B 9 -35.35 -21.51 -21.69
CA VAL B 9 -34.70 -21.01 -22.89
C VAL B 9 -35.50 -19.85 -23.50
N ILE B 10 -36.82 -19.99 -23.57
CA ILE B 10 -37.73 -18.91 -24.00
C ILE B 10 -38.81 -18.70 -22.95
N LEU B 11 -38.93 -17.48 -22.45
CA LEU B 11 -39.99 -17.20 -21.48
C LEU B 11 -41.12 -16.49 -22.23
N SER B 12 -42.33 -17.05 -22.13
CA SER B 12 -43.47 -16.53 -22.88
C SER B 12 -44.53 -15.93 -21.97
N VAL B 13 -44.61 -14.61 -21.94
CA VAL B 13 -45.58 -13.99 -21.04
C VAL B 13 -46.51 -12.96 -21.66
N SER B 14 -47.71 -12.87 -21.09
CA SER B 14 -48.68 -11.85 -21.43
C SER B 14 -48.18 -10.51 -20.91
N PRO B 15 -48.42 -9.43 -21.67
CA PRO B 15 -47.94 -8.09 -21.36
C PRO B 15 -48.66 -7.52 -20.14
N GLY B 16 -47.89 -7.12 -19.14
CA GLY B 16 -48.46 -6.63 -17.91
C GLY B 16 -48.30 -7.59 -16.74
N GLU B 17 -48.01 -8.87 -17.01
CA GLU B 17 -47.82 -9.85 -15.93
C GLU B 17 -46.48 -9.68 -15.22
N ARG B 18 -46.34 -10.21 -14.01
CA ARG B 18 -45.05 -10.25 -13.31
C ARG B 18 -44.29 -11.48 -13.81
N VAL B 19 -43.16 -11.21 -14.44
CA VAL B 19 -42.32 -12.19 -15.07
C VAL B 19 -41.04 -12.33 -14.26
N SER B 20 -40.54 -13.55 -14.12
CA SER B 20 -39.30 -13.74 -13.36
C SER B 20 -38.35 -14.70 -14.05
N PHE B 21 -37.08 -14.32 -14.17
CA PHE B 21 -36.04 -15.12 -14.84
C PHE B 21 -35.14 -15.77 -13.82
N SER B 22 -34.71 -17.01 -14.08
CA SER B 22 -33.89 -17.73 -13.11
C SER B 22 -32.53 -18.17 -13.64
N CYS B 23 -31.50 -17.97 -12.81
CA CYS B 23 -30.11 -18.30 -13.08
C CYS B 23 -29.61 -19.17 -11.91
N ARG B 24 -29.04 -20.34 -12.21
CA ARG B 24 -28.58 -21.27 -11.16
C ARG B 24 -27.08 -21.45 -11.28
N ALA B 25 -26.31 -21.03 -10.27
CA ALA B 25 -24.86 -21.22 -10.22
C ALA B 25 -24.56 -22.59 -9.60
N SER B 26 -23.53 -23.26 -10.11
CA SER B 26 -23.18 -24.62 -9.66
C SER B 26 -22.37 -24.65 -8.34
N GLN B 27 -21.92 -23.47 -7.89
CA GLN B 27 -21.23 -23.30 -6.59
C GLN B 27 -21.80 -22.09 -5.84
N SER B 28 -22.05 -22.20 -4.54
CA SER B 28 -22.69 -21.08 -3.83
C SER B 28 -21.77 -19.84 -3.83
N ILE B 29 -22.36 -18.67 -4.06
CA ILE B 29 -21.56 -17.59 -4.61
C ILE B 29 -21.84 -16.20 -4.01
N GLY B 30 -22.50 -16.19 -2.86
CA GLY B 30 -22.88 -14.97 -2.21
C GLY B 30 -23.87 -14.25 -3.10
N THR B 31 -23.55 -13.00 -3.43
CA THR B 31 -24.43 -12.16 -4.22
C THR B 31 -23.64 -11.68 -5.44
N ASN B 32 -22.59 -12.41 -5.77
CA ASN B 32 -21.76 -12.00 -6.87
C ASN B 32 -22.30 -12.35 -8.25
N ILE B 33 -23.46 -11.76 -8.58
CA ILE B 33 -24.19 -12.01 -9.82
C ILE B 33 -24.64 -10.67 -10.35
N HIS B 34 -24.44 -10.44 -11.65
CA HIS B 34 -25.15 -9.36 -12.34
C HIS B 34 -26.08 -9.83 -13.47
N TRP B 35 -27.00 -8.95 -13.86
CA TRP B 35 -27.93 -9.19 -14.97
C TRP B 35 -27.90 -8.16 -16.12
N TYR B 36 -27.93 -8.63 -17.36
CA TYR B 36 -28.04 -7.75 -18.49
C TYR B 36 -29.32 -7.95 -19.34
N GLN B 37 -29.70 -6.91 -20.06
CA GLN B 37 -30.70 -6.99 -21.10
C GLN B 37 -29.95 -6.76 -22.38
N GLN B 38 -30.24 -7.55 -23.42
CA GLN B 38 -29.70 -7.35 -24.76
C GLN B 38 -30.81 -7.36 -25.82
N ARG B 39 -31.00 -6.24 -26.50
CA ARG B 39 -32.04 -6.15 -27.50
C ARG B 39 -31.40 -6.51 -28.82
N THR B 40 -32.18 -7.11 -29.73
CA THR B 40 -31.66 -7.45 -31.05
C THR B 40 -30.71 -6.36 -31.52
N ASN B 41 -29.52 -6.76 -31.95
CA ASN B 41 -28.56 -5.83 -32.54
C ASN B 41 -27.97 -4.80 -31.58
N GLY B 42 -28.25 -4.96 -30.29
CA GLY B 42 -27.76 -4.01 -29.30
C GLY B 42 -26.66 -4.64 -28.49
N SER B 43 -25.90 -3.84 -27.76
CA SER B 43 -24.88 -4.41 -26.91
C SER B 43 -25.55 -4.54 -25.56
N PRO B 44 -25.01 -5.39 -24.67
CA PRO B 44 -25.83 -5.65 -23.47
C PRO B 44 -25.95 -4.46 -22.56
N ARG B 45 -26.92 -4.49 -21.67
CA ARG B 45 -27.19 -3.36 -20.85
C ARG B 45 -27.35 -3.82 -19.41
N LEU B 46 -26.57 -3.26 -18.51
CA LEU B 46 -26.64 -3.64 -17.08
C LEU B 46 -27.95 -3.27 -16.42
N LEU B 47 -28.53 -4.20 -15.67
CA LEU B 47 -29.83 -4.00 -15.01
C LEU B 47 -29.80 -4.12 -13.49
N ILE B 48 -29.03 -5.10 -13.00
CA ILE B 48 -28.85 -5.39 -11.58
C ILE B 48 -27.40 -5.79 -11.35
N LYS B 49 -26.82 -5.29 -10.26
CA LYS B 49 -25.51 -5.74 -9.82
C LYS B 49 -25.63 -6.32 -8.40
N TYR B 50 -24.75 -7.26 -8.07
CA TYR B 50 -24.80 -7.95 -6.80
C TYR B 50 -26.23 -8.32 -6.47
N ALA B 51 -26.81 -9.10 -7.38
CA ALA B 51 -28.07 -9.83 -7.12
C ALA B 51 -29.29 -8.94 -6.97
N SER B 52 -29.18 -7.85 -6.22
CA SER B 52 -30.36 -7.05 -5.95
C SER B 52 -30.19 -5.55 -6.09
N GLU B 53 -29.00 -5.10 -6.49
CA GLU B 53 -28.70 -3.67 -6.40
C GLU B 53 -29.06 -2.95 -7.69
N SER B 54 -30.09 -2.12 -7.60
CA SER B 54 -30.56 -1.33 -8.73
C SER B 54 -29.43 -0.49 -9.33
N ILE B 55 -29.52 -0.23 -10.65
CA ILE B 55 -28.56 0.54 -11.42
C ILE B 55 -29.30 1.75 -11.91
N SER B 56 -28.69 2.93 -11.89
CA SER B 56 -29.53 4.08 -12.19
C SER B 56 -29.73 4.16 -13.71
N GLY B 57 -30.91 4.62 -14.10
CA GLY B 57 -31.34 4.65 -15.49
C GLY B 57 -32.26 3.48 -15.82
N ILE B 58 -32.25 2.45 -14.99
CA ILE B 58 -33.09 1.29 -15.26
C ILE B 58 -34.46 1.47 -14.64
N PRO B 59 -35.53 1.19 -15.41
CA PRO B 59 -36.89 1.40 -14.91
C PRO B 59 -37.15 0.52 -13.69
N SER B 60 -37.97 1.02 -12.76
CA SER B 60 -38.11 0.43 -11.43
C SER B 60 -38.81 -0.94 -11.43
N ARG B 61 -39.47 -1.27 -12.53
CA ARG B 61 -40.12 -2.56 -12.66
C ARG B 61 -39.12 -3.72 -12.86
N PHE B 62 -37.81 -3.41 -12.86
CA PHE B 62 -36.78 -4.44 -12.86
C PHE B 62 -36.25 -4.62 -11.42
N SER B 63 -36.34 -5.86 -10.89
CA SER B 63 -35.70 -6.18 -9.59
C SER B 63 -34.93 -7.49 -9.68
N GLY B 64 -34.12 -7.79 -8.69
CA GLY B 64 -33.41 -9.03 -8.67
C GLY B 64 -33.37 -9.47 -7.23
N SER B 65 -33.30 -10.78 -7.01
CA SER B 65 -33.20 -11.33 -5.65
C SER B 65 -32.43 -12.68 -5.69
N GLY B 66 -31.84 -13.11 -4.59
CA GLY B 66 -31.08 -14.36 -4.60
C GLY B 66 -29.77 -14.26 -3.79
N SER B 67 -29.25 -15.45 -3.44
CA SER B 67 -28.06 -15.55 -2.64
C SER B 67 -27.61 -16.99 -2.51
N GLY B 68 -26.41 -17.32 -3.00
CA GLY B 68 -25.87 -18.68 -2.93
C GLY B 68 -25.79 -19.23 -4.33
N THR B 69 -26.73 -20.10 -4.66
CA THR B 69 -26.81 -20.72 -5.99
C THR B 69 -27.98 -20.20 -6.82
N ASP B 70 -29.00 -19.67 -6.16
CA ASP B 70 -30.29 -19.43 -6.79
C ASP B 70 -30.72 -17.97 -6.88
N PHE B 71 -30.68 -17.44 -8.14
CA PHE B 71 -30.97 -16.04 -8.38
C PHE B 71 -32.11 -15.87 -9.37
N THR B 72 -32.75 -14.71 -9.30
CA THR B 72 -33.99 -14.44 -9.99
C THR B 72 -34.04 -12.94 -10.40
N LEU B 73 -34.11 -12.68 -11.70
CA LEU B 73 -34.42 -11.35 -12.21
C LEU B 73 -35.93 -11.22 -12.39
N SER B 74 -36.54 -10.11 -11.96
CA SER B 74 -37.99 -9.98 -12.07
C SER B 74 -38.46 -8.73 -12.80
N ILE B 75 -39.62 -8.85 -13.44
CA ILE B 75 -40.25 -7.72 -14.09
C ILE B 75 -41.71 -7.77 -13.73
N ASN B 76 -42.19 -6.73 -13.04
CA ASN B 76 -43.61 -6.48 -12.92
C ASN B 76 -44.12 -5.77 -14.16
N SER B 77 -45.41 -5.85 -14.39
CA SER B 77 -45.94 -5.45 -15.71
C SER B 77 -44.91 -5.37 -16.86
N VAL B 78 -44.67 -6.53 -17.50
CA VAL B 78 -43.81 -6.59 -18.71
C VAL B 78 -44.34 -5.70 -19.79
N GLU B 79 -43.45 -4.90 -20.35
CA GLU B 79 -43.76 -4.03 -21.47
C GLU B 79 -43.35 -4.75 -22.71
N SER B 80 -43.52 -4.08 -23.84
CA SER B 80 -43.23 -4.61 -25.17
C SER B 80 -41.81 -4.27 -25.58
N GLU B 81 -41.19 -3.35 -24.87
CA GLU B 81 -39.77 -3.12 -25.11
C GLU B 81 -38.92 -3.87 -24.08
N ASP B 82 -39.58 -4.77 -23.34
CA ASP B 82 -38.88 -5.73 -22.53
C ASP B 82 -38.54 -6.97 -23.37
N ILE B 83 -38.90 -6.94 -24.65
CA ILE B 83 -38.52 -8.00 -25.58
C ILE B 83 -37.02 -7.97 -25.84
N ALA B 84 -36.32 -8.94 -25.23
CA ALA B 84 -34.86 -9.03 -25.33
C ALA B 84 -34.35 -10.40 -24.89
N ASP B 85 -33.04 -10.58 -24.92
CA ASP B 85 -32.40 -11.69 -24.22
C ASP B 85 -31.90 -11.15 -22.89
N TYR B 86 -32.00 -11.98 -21.85
CA TYR B 86 -31.51 -11.60 -20.54
C TYR B 86 -30.39 -12.56 -20.13
N TYR B 87 -29.28 -11.99 -19.64
CA TYR B 87 -28.11 -12.76 -19.23
C TYR B 87 -27.74 -12.59 -17.74
N CYS B 88 -27.22 -13.63 -17.11
CA CYS B 88 -26.61 -13.45 -15.81
C CYS B 88 -25.11 -13.56 -15.95
N GLN B 89 -24.38 -13.06 -14.97
CA GLN B 89 -22.93 -13.10 -14.99
C GLN B 89 -22.50 -13.33 -13.59
N GLN B 90 -21.38 -14.02 -13.40
CA GLN B 90 -20.86 -14.19 -12.06
C GLN B 90 -19.54 -13.48 -11.87
N ASN B 91 -19.29 -13.15 -10.62
CA ASN B 91 -18.27 -12.19 -10.21
C ASN B 91 -17.26 -12.81 -9.25
N ASN B 92 -17.62 -13.98 -8.75
CA ASN B 92 -16.82 -14.68 -7.78
C ASN B 92 -15.55 -15.42 -8.26
N ASN B 93 -15.62 -16.17 -9.34
CA ASN B 93 -14.46 -16.98 -9.73
C ASN B 93 -13.80 -16.41 -10.93
N TRP B 94 -12.47 -16.30 -10.94
CA TRP B 94 -11.76 -16.00 -12.18
C TRP B 94 -11.98 -17.12 -13.19
N PRO B 95 -12.37 -16.79 -14.43
CA PRO B 95 -12.71 -15.51 -15.08
C PRO B 95 -14.17 -15.23 -14.88
N THR B 96 -14.63 -13.98 -15.04
CA THR B 96 -16.05 -13.73 -15.07
C THR B 96 -16.65 -14.59 -16.19
N THR B 97 -17.92 -14.88 -16.04
CA THR B 97 -18.58 -15.88 -16.84
C THR B 97 -20.03 -15.52 -16.95
N PHE B 98 -20.57 -15.80 -18.13
CA PHE B 98 -21.95 -15.48 -18.41
C PHE B 98 -22.80 -16.76 -18.54
N GLY B 99 -24.09 -16.65 -18.24
CA GLY B 99 -25.10 -17.65 -18.60
C GLY B 99 -25.47 -17.58 -20.09
N ALA B 100 -26.28 -18.52 -20.58
CA ALA B 100 -26.53 -18.65 -22.03
C ALA B 100 -27.65 -17.77 -22.55
N GLY B 101 -28.49 -17.27 -21.64
CA GLY B 101 -29.51 -16.29 -21.96
C GLY B 101 -30.89 -16.89 -21.91
N THR B 102 -31.87 -16.10 -21.50
CA THR B 102 -33.30 -16.40 -21.66
C THR B 102 -33.88 -15.33 -22.60
N LYS B 103 -34.73 -15.75 -23.53
CA LYS B 103 -35.34 -14.86 -24.50
C LYS B 103 -36.68 -14.53 -23.96
N LEU B 104 -37.01 -13.25 -23.92
CA LEU B 104 -38.33 -12.92 -23.39
C LEU B 104 -39.24 -12.70 -24.55
N GLU B 105 -40.36 -13.42 -24.53
CA GLU B 105 -41.33 -13.27 -25.62
C GLU B 105 -42.69 -12.90 -25.09
N LEU B 106 -43.31 -11.93 -25.75
CA LEU B 106 -44.67 -11.51 -25.39
C LEU B 106 -45.77 -12.37 -26.03
N LYS B 107 -46.63 -12.91 -25.18
CA LYS B 107 -47.82 -13.61 -25.64
C LYS B 107 -48.77 -12.54 -26.16
N ARG B 108 -49.71 -12.98 -26.97
CA ARG B 108 -50.53 -12.13 -27.79
C ARG B 108 -51.65 -13.06 -28.27
N THR B 109 -52.75 -12.51 -28.76
CA THR B 109 -53.76 -13.35 -29.43
C THR B 109 -53.24 -13.89 -30.75
N VAL B 110 -53.68 -15.11 -31.10
CA VAL B 110 -53.32 -15.76 -32.36
C VAL B 110 -53.58 -14.80 -33.53
N ALA B 111 -52.60 -14.62 -34.40
CA ALA B 111 -52.75 -13.79 -35.59
C ALA B 111 -52.29 -14.57 -36.81
N ALA B 112 -53.23 -14.90 -37.68
CA ALA B 112 -52.95 -15.64 -38.91
C ALA B 112 -52.04 -14.84 -39.85
N PRO B 113 -51.10 -15.55 -40.50
CA PRO B 113 -50.21 -15.02 -41.49
C PRO B 113 -50.95 -14.62 -42.75
N SER B 114 -50.60 -13.47 -43.32
CA SER B 114 -51.01 -13.21 -44.69
C SER B 114 -49.92 -13.72 -45.63
N VAL B 115 -50.30 -14.64 -46.51
CA VAL B 115 -49.39 -15.38 -47.37
C VAL B 115 -49.31 -14.78 -48.79
N PHE B 116 -48.09 -14.75 -49.34
CA PHE B 116 -47.81 -14.16 -50.64
C PHE B 116 -46.69 -14.94 -51.32
N ILE B 117 -46.90 -15.27 -52.60
CA ILE B 117 -45.92 -16.05 -53.37
C ILE B 117 -45.38 -15.21 -54.52
N PHE B 118 -44.07 -15.26 -54.75
CA PHE B 118 -43.42 -14.41 -55.76
C PHE B 118 -42.58 -15.20 -56.77
N PRO B 119 -43.07 -15.31 -58.02
CA PRO B 119 -42.20 -15.90 -59.03
C PRO B 119 -40.81 -15.24 -59.04
N PRO B 120 -39.79 -15.94 -59.57
CA PRO B 120 -38.48 -15.33 -59.79
C PRO B 120 -38.55 -14.12 -60.71
N SER B 121 -37.88 -13.03 -60.34
CA SER B 121 -37.87 -11.81 -61.12
C SER B 121 -37.38 -12.04 -62.53
N ASP B 122 -37.69 -11.09 -63.40
CA ASP B 122 -37.06 -10.94 -64.71
C ASP B 122 -35.56 -11.07 -64.58
N GLU B 123 -34.91 -11.58 -65.61
CA GLU B 123 -33.45 -11.51 -65.67
C GLU B 123 -32.76 -12.60 -64.84
N GLN B 124 -33.03 -12.64 -63.53
CA GLN B 124 -32.40 -13.60 -62.60
C GLN B 124 -32.23 -14.96 -63.27
N LEU B 125 -33.30 -15.38 -63.94
CA LEU B 125 -33.35 -16.60 -64.73
C LEU B 125 -32.25 -16.62 -65.78
N LYS B 126 -32.35 -15.71 -66.75
CA LYS B 126 -31.39 -15.60 -67.85
C LYS B 126 -29.96 -15.29 -67.35
N SER B 127 -29.84 -15.01 -66.05
CA SER B 127 -28.54 -14.91 -65.39
C SER B 127 -28.17 -16.20 -64.65
N GLY B 128 -28.96 -17.26 -64.81
CA GLY B 128 -28.59 -18.59 -64.31
C GLY B 128 -29.53 -19.32 -63.36
N THR B 129 -29.82 -18.70 -62.20
CA THR B 129 -30.69 -19.32 -61.19
C THR B 129 -32.04 -18.60 -61.01
N ALA B 130 -33.02 -19.33 -60.48
CA ALA B 130 -34.30 -18.77 -60.08
C ALA B 130 -34.48 -18.90 -58.57
N SER B 131 -34.89 -17.78 -57.95
CA SER B 131 -35.27 -17.79 -56.56
C SER B 131 -36.77 -17.52 -56.42
N VAL B 132 -37.47 -18.42 -55.73
CA VAL B 132 -38.91 -18.29 -55.53
C VAL B 132 -39.14 -17.99 -54.05
N VAL B 133 -40.02 -17.03 -53.75
CA VAL B 133 -40.16 -16.55 -52.39
C VAL B 133 -41.59 -16.58 -51.86
N CYS B 134 -41.76 -17.27 -50.74
CA CYS B 134 -43.01 -17.18 -50.02
C CYS B 134 -42.83 -16.28 -48.81
N LEU B 135 -43.87 -15.57 -48.48
CA LEU B 135 -43.84 -14.67 -47.35
C LEU B 135 -45.07 -14.86 -46.45
N LEU B 136 -44.83 -15.09 -45.18
CA LEU B 136 -45.94 -15.12 -44.27
C LEU B 136 -45.80 -13.85 -43.41
N ASN B 137 -46.76 -12.92 -43.54
CA ASN B 137 -46.65 -11.65 -42.82
C ASN B 137 -47.49 -11.60 -41.55
N ASN B 138 -46.91 -10.97 -40.55
CA ASN B 138 -47.50 -10.69 -39.23
C ASN B 138 -48.33 -11.80 -38.60
N PHE B 139 -47.66 -12.88 -38.18
CA PHE B 139 -48.43 -13.93 -37.50
C PHE B 139 -47.96 -14.13 -36.08
N TYR B 140 -48.76 -14.85 -35.30
CA TYR B 140 -48.42 -15.23 -33.95
C TYR B 140 -49.31 -16.42 -33.61
N PRO B 141 -48.76 -17.46 -32.95
CA PRO B 141 -47.39 -17.67 -32.51
C PRO B 141 -46.43 -18.01 -33.64
N ARG B 142 -45.15 -18.20 -33.29
CA ARG B 142 -44.04 -18.31 -34.24
C ARG B 142 -44.05 -19.62 -34.99
N GLU B 143 -44.65 -20.65 -34.39
CA GLU B 143 -44.69 -21.94 -35.06
C GLU B 143 -45.51 -21.84 -36.35
N ALA B 144 -44.80 -21.92 -37.47
CA ALA B 144 -45.40 -21.96 -38.79
C ALA B 144 -44.77 -23.06 -39.67
N LYS B 145 -45.59 -23.81 -40.37
CA LYS B 145 -45.04 -24.74 -41.35
C LYS B 145 -45.23 -24.27 -42.80
N VAL B 146 -44.17 -24.42 -43.59
CA VAL B 146 -44.21 -24.05 -44.99
C VAL B 146 -43.66 -25.19 -45.82
N GLN B 147 -44.51 -25.76 -46.65
CA GLN B 147 -44.09 -26.77 -47.59
C GLN B 147 -44.25 -26.25 -49.01
N TRP B 148 -43.31 -26.61 -49.85
CA TRP B 148 -43.35 -26.27 -51.25
C TRP B 148 -43.78 -27.48 -52.10
N LYS B 149 -44.89 -27.32 -52.82
CA LYS B 149 -45.37 -28.31 -53.79
C LYS B 149 -45.08 -27.79 -55.20
N VAL B 150 -44.39 -28.59 -56.00
CA VAL B 150 -44.09 -28.22 -57.38
C VAL B 150 -44.78 -29.22 -58.30
N ASP B 151 -45.93 -28.83 -58.83
CA ASP B 151 -46.83 -29.75 -59.56
C ASP B 151 -47.39 -30.80 -58.60
N ASN B 152 -47.05 -30.63 -57.32
CA ASN B 152 -47.51 -31.46 -56.20
C ASN B 152 -46.56 -32.58 -55.72
N ALA B 153 -45.30 -32.54 -56.15
CA ALA B 153 -44.24 -33.24 -55.41
C ALA B 153 -43.75 -32.29 -54.29
N LEU B 154 -43.84 -32.76 -53.05
CA LEU B 154 -43.29 -32.05 -51.90
C LEU B 154 -41.77 -31.90 -52.05
N GLN B 155 -41.24 -30.74 -51.67
CA GLN B 155 -39.82 -30.44 -51.90
C GLN B 155 -38.98 -30.60 -50.65
N SER B 156 -37.70 -30.90 -50.84
CA SER B 156 -36.78 -31.09 -49.72
C SER B 156 -35.35 -30.73 -50.03
N GLY B 157 -34.72 -30.06 -49.07
CA GLY B 157 -33.31 -29.65 -49.16
C GLY B 157 -33.04 -28.65 -50.27
N ASN B 158 -34.10 -27.97 -50.69
CA ASN B 158 -33.99 -26.95 -51.73
C ASN B 158 -34.60 -25.62 -51.26
N SER B 159 -34.86 -25.51 -49.96
CA SER B 159 -35.39 -24.25 -49.39
C SER B 159 -34.71 -23.80 -48.11
N GLN B 160 -34.69 -22.50 -47.90
CA GLN B 160 -34.25 -21.95 -46.62
C GLN B 160 -35.22 -20.90 -46.19
N GLU B 161 -35.49 -20.87 -44.90
CA GLU B 161 -36.37 -19.86 -44.40
C GLU B 161 -35.72 -19.00 -43.34
N SER B 162 -36.39 -17.89 -43.04
CA SER B 162 -35.90 -16.85 -42.18
C SER B 162 -37.06 -16.18 -41.45
N VAL B 163 -36.93 -15.98 -40.14
CA VAL B 163 -37.98 -15.37 -39.31
C VAL B 163 -37.47 -14.12 -38.64
N THR B 164 -38.24 -13.05 -38.69
CA THR B 164 -37.88 -11.83 -37.99
C THR B 164 -38.03 -12.02 -36.49
N GLU B 165 -37.27 -11.23 -35.72
CA GLU B 165 -37.51 -11.09 -34.30
C GLU B 165 -38.89 -10.45 -34.08
N GLN B 166 -39.43 -10.56 -32.87
CA GLN B 166 -40.81 -10.15 -32.56
C GLN B 166 -41.04 -8.63 -32.65
N ASP B 167 -42.05 -8.18 -33.39
CA ASP B 167 -42.23 -6.74 -33.61
C ASP B 167 -42.66 -6.07 -32.32
N SER B 168 -42.02 -4.97 -31.95
CA SER B 168 -42.38 -4.32 -30.69
C SER B 168 -43.79 -3.73 -30.70
N LYS B 169 -44.27 -3.24 -31.84
CA LYS B 169 -45.66 -2.68 -31.88
C LYS B 169 -46.80 -3.72 -31.86
N ASP B 170 -46.86 -4.61 -32.87
CA ASP B 170 -47.94 -5.61 -32.97
C ASP B 170 -47.59 -6.97 -32.33
N SER B 171 -46.36 -7.03 -31.84
CA SER B 171 -45.67 -8.20 -31.28
C SER B 171 -45.75 -9.56 -32.02
N THR B 172 -45.69 -9.49 -33.35
CA THR B 172 -45.85 -10.65 -34.25
C THR B 172 -44.55 -11.06 -34.90
N TYR B 173 -44.64 -12.04 -35.80
CA TYR B 173 -43.48 -12.54 -36.52
C TYR B 173 -43.74 -12.47 -38.02
N SER B 174 -42.67 -12.52 -38.78
CA SER B 174 -42.74 -12.58 -40.23
C SER B 174 -41.70 -13.58 -40.77
N LEU B 175 -42.17 -14.64 -41.39
CA LEU B 175 -41.29 -15.62 -41.98
C LEU B 175 -41.11 -15.31 -43.45
N SER B 176 -40.10 -15.90 -44.07
CA SER B 176 -40.02 -15.89 -45.52
C SER B 176 -39.30 -17.15 -45.92
N SER B 177 -39.81 -17.82 -46.95
CA SER B 177 -39.23 -19.07 -47.39
C SER B 177 -38.75 -18.89 -48.81
N THR B 178 -37.56 -19.36 -49.11
CA THR B 178 -37.01 -19.19 -50.45
C THR B 178 -36.64 -20.51 -51.11
N LEU B 179 -37.31 -20.78 -52.22
CA LEU B 179 -37.06 -21.95 -53.05
C LEU B 179 -36.01 -21.60 -54.09
N THR B 180 -34.94 -22.38 -54.10
CA THR B 180 -33.85 -22.11 -55.02
C THR B 180 -33.78 -23.24 -56.03
N LEU B 181 -33.76 -22.87 -57.31
CA LEU B 181 -33.65 -23.78 -58.44
C LEU B 181 -33.03 -23.06 -59.61
N SER B 182 -32.07 -23.68 -60.29
CA SER B 182 -31.46 -23.02 -61.45
C SER B 182 -32.48 -22.90 -62.60
N LYS B 183 -32.23 -22.00 -63.54
CA LYS B 183 -33.08 -21.87 -64.70
C LYS B 183 -33.21 -23.26 -65.33
N ALA B 184 -34.33 -23.49 -66.03
CA ALA B 184 -34.61 -24.75 -66.74
C ALA B 184 -35.16 -25.87 -65.84
N ASP B 185 -34.88 -25.80 -64.54
CA ASP B 185 -35.61 -26.62 -63.58
C ASP B 185 -36.96 -25.91 -63.40
N TYR B 186 -36.88 -24.59 -63.20
CA TYR B 186 -37.99 -23.66 -63.42
C TYR B 186 -37.95 -23.45 -64.91
N GLU B 187 -39.04 -23.78 -65.58
CA GLU B 187 -39.04 -24.02 -67.04
C GLU B 187 -38.81 -25.52 -67.26
N LYS B 188 -39.55 -26.31 -66.50
CA LYS B 188 -39.69 -27.75 -66.74
C LYS B 188 -41.01 -28.14 -66.10
N HIS B 189 -41.32 -27.47 -64.99
CA HIS B 189 -42.59 -27.61 -64.29
C HIS B 189 -43.47 -26.39 -64.52
N LYS B 190 -44.75 -26.51 -64.22
CA LYS B 190 -45.68 -25.42 -64.38
C LYS B 190 -46.14 -24.83 -63.05
N VAL B 191 -46.87 -25.63 -62.26
CA VAL B 191 -47.45 -25.17 -60.98
C VAL B 191 -46.37 -25.05 -59.92
N TYR B 192 -46.40 -23.94 -59.19
CA TYR B 192 -45.50 -23.67 -58.08
C TYR B 192 -46.27 -23.13 -56.90
N ALA B 193 -46.52 -23.99 -55.92
CA ALA B 193 -47.46 -23.71 -54.82
C ALA B 193 -46.77 -23.59 -53.48
N CYS B 194 -47.37 -22.81 -52.59
CA CYS B 194 -46.81 -22.51 -51.27
C CYS B 194 -47.84 -22.81 -50.18
N GLU B 195 -47.56 -23.79 -49.33
CA GLU B 195 -48.57 -24.31 -48.40
C GLU B 195 -48.28 -24.12 -46.91
N VAL B 196 -49.11 -23.28 -46.29
CA VAL B 196 -48.91 -22.80 -44.92
C VAL B 196 -49.85 -23.48 -43.92
N THR B 197 -49.28 -23.86 -42.79
CA THR B 197 -50.02 -24.44 -41.68
C THR B 197 -49.67 -23.64 -40.45
N HIS B 198 -50.68 -23.27 -39.69
CA HIS B 198 -50.47 -22.39 -38.58
C HIS B 198 -51.71 -22.41 -37.73
N GLN B 199 -51.55 -22.28 -36.42
CA GLN B 199 -52.64 -22.35 -35.47
C GLN B 199 -53.89 -21.59 -35.95
N GLY B 200 -53.68 -20.39 -36.48
CA GLY B 200 -54.77 -19.50 -36.88
C GLY B 200 -55.33 -19.66 -38.28
N LEU B 201 -55.21 -20.86 -38.86
CA LEU B 201 -55.72 -21.16 -40.20
C LEU B 201 -56.41 -22.49 -40.09
N SER B 202 -57.74 -22.46 -40.12
CA SER B 202 -58.58 -23.63 -39.83
C SER B 202 -58.09 -24.86 -40.59
N SER B 203 -58.01 -24.76 -41.90
CA SER B 203 -57.28 -25.74 -42.68
C SER B 203 -56.19 -24.96 -43.42
N PRO B 204 -55.07 -25.64 -43.78
CA PRO B 204 -53.93 -25.04 -44.49
C PRO B 204 -54.31 -24.12 -45.66
N VAL B 205 -53.57 -23.03 -45.81
CA VAL B 205 -53.75 -22.12 -46.92
C VAL B 205 -52.69 -22.44 -47.93
N THR B 206 -53.01 -22.26 -49.22
CA THR B 206 -52.09 -22.52 -50.31
C THR B 206 -52.09 -21.36 -51.26
N LYS B 207 -50.91 -20.91 -51.64
CA LYS B 207 -50.76 -19.84 -52.60
C LYS B 207 -49.87 -20.32 -53.72
N SER B 208 -50.37 -20.25 -54.96
CA SER B 208 -49.59 -20.63 -56.15
C SER B 208 -49.57 -19.56 -57.25
N PHE B 209 -49.04 -19.90 -58.41
CA PHE B 209 -48.93 -19.01 -59.58
C PHE B 209 -48.56 -19.80 -60.84
N ASN B 210 -48.55 -19.08 -61.98
CA ASN B 210 -48.05 -19.60 -63.27
C ASN B 210 -48.71 -20.93 -63.56
N ARG B 211 -49.98 -20.87 -63.97
CA ARG B 211 -50.89 -22.01 -64.03
C ARG B 211 -51.09 -22.63 -62.64
N GLN C 1 -20.26 11.62 -19.97
CA GLN C 1 -21.09 10.56 -20.61
C GLN C 1 -20.12 9.50 -21.05
N VAL C 2 -20.02 8.40 -20.30
CA VAL C 2 -19.09 7.36 -20.71
C VAL C 2 -19.42 6.77 -22.08
N GLN C 3 -18.44 6.74 -22.97
CA GLN C 3 -18.68 6.19 -24.32
C GLN C 3 -17.44 5.43 -24.80
N LEU C 4 -17.69 4.27 -25.42
CA LEU C 4 -16.65 3.47 -26.09
C LEU C 4 -16.99 3.28 -27.56
N LYS C 5 -16.00 3.46 -28.42
CA LYS C 5 -16.25 3.36 -29.85
C LYS C 5 -15.20 2.56 -30.51
N GLN C 6 -15.63 1.59 -31.30
CA GLN C 6 -14.72 0.65 -31.92
C GLN C 6 -14.54 0.97 -33.38
N SER C 7 -13.31 0.76 -33.85
CA SER C 7 -13.01 0.69 -35.27
C SER C 7 -12.12 -0.51 -35.50
N GLY C 8 -12.21 -1.11 -36.68
CA GLY C 8 -11.34 -2.23 -37.03
C GLY C 8 -11.86 -3.13 -38.13
N PRO C 9 -11.02 -3.41 -39.12
CA PRO C 9 -11.48 -4.29 -40.20
C PRO C 9 -11.92 -5.60 -39.57
N GLY C 10 -13.20 -5.95 -39.78
CA GLY C 10 -13.88 -7.17 -39.25
C GLY C 10 -13.81 -8.51 -40.05
N LEU C 11 -13.69 -8.48 -41.37
CA LEU C 11 -13.46 -9.74 -42.11
C LEU C 11 -11.98 -10.14 -42.02
N VAL C 12 -11.72 -11.36 -41.59
CA VAL C 12 -10.36 -11.76 -41.25
C VAL C 12 -10.04 -13.13 -41.80
N GLN C 13 -8.94 -13.26 -42.55
CA GLN C 13 -8.50 -14.56 -43.05
C GLN C 13 -8.05 -15.47 -41.93
N PRO C 14 -8.24 -16.79 -42.09
CA PRO C 14 -7.75 -17.75 -41.11
C PRO C 14 -6.22 -17.71 -40.98
N SER C 15 -5.74 -17.94 -39.76
CA SER C 15 -4.39 -17.57 -39.26
C SER C 15 -3.97 -16.10 -39.28
N GLN C 16 -4.73 -15.25 -39.97
CA GLN C 16 -4.48 -13.79 -39.89
C GLN C 16 -4.91 -13.25 -38.53
N SER C 17 -4.51 -12.03 -38.23
CA SER C 17 -4.82 -11.45 -36.94
C SER C 17 -5.99 -10.45 -37.00
N LEU C 18 -6.70 -10.33 -35.89
CA LEU C 18 -7.78 -9.40 -35.74
C LEU C 18 -7.29 -8.22 -34.91
N SER C 19 -7.46 -7.00 -35.40
CA SER C 19 -7.16 -5.82 -34.59
C SER C 19 -8.38 -4.94 -34.52
N ILE C 20 -8.67 -4.46 -33.32
CA ILE C 20 -9.75 -3.56 -33.07
C ILE C 20 -9.22 -2.45 -32.18
N THR C 21 -9.55 -1.21 -32.52
CA THR C 21 -9.26 -0.08 -31.66
C THR C 21 -10.54 0.31 -30.89
N CYS C 22 -10.38 0.72 -29.65
CA CYS C 22 -11.49 1.16 -28.86
C CYS C 22 -11.11 2.55 -28.37
N THR C 23 -11.69 3.58 -29.00
CA THR C 23 -11.54 4.94 -28.52
C THR C 23 -12.57 5.26 -27.47
N VAL C 24 -12.10 5.87 -26.40
CA VAL C 24 -12.84 5.94 -25.16
C VAL C 24 -13.02 7.41 -24.81
N SER C 25 -14.17 7.78 -24.25
CA SER C 25 -14.40 9.17 -23.83
C SER C 25 -15.28 9.27 -22.58
N GLY C 26 -15.11 10.34 -21.80
CA GLY C 26 -15.89 10.53 -20.60
C GLY C 26 -15.30 9.96 -19.33
N PHE C 27 -14.12 9.33 -19.43
CA PHE C 27 -13.33 8.90 -18.28
C PHE C 27 -11.95 8.65 -18.84
N SER C 28 -10.92 8.53 -18.01
CA SER C 28 -9.58 8.19 -18.52
C SER C 28 -9.14 6.77 -18.21
N LEU C 29 -8.32 6.22 -19.09
CA LEU C 29 -7.73 4.91 -18.91
C LEU C 29 -6.72 4.92 -17.77
N THR C 30 -6.35 6.10 -17.33
CA THR C 30 -5.64 6.32 -16.08
C THR C 30 -6.38 5.68 -14.89
N ASN C 31 -7.71 5.69 -14.88
CA ASN C 31 -8.44 5.28 -13.70
C ASN C 31 -9.25 3.99 -13.82
N TYR C 32 -9.35 3.48 -15.04
CA TYR C 32 -10.29 2.40 -15.32
C TYR C 32 -9.67 1.47 -16.30
N GLY C 33 -9.86 0.19 -16.08
CA GLY C 33 -9.48 -0.79 -17.08
C GLY C 33 -10.52 -0.90 -18.17
N VAL C 34 -10.16 -1.42 -19.32
CA VAL C 34 -11.10 -1.70 -20.39
C VAL C 34 -11.05 -3.22 -20.67
N HIS C 35 -12.20 -3.85 -20.56
CA HIS C 35 -12.34 -5.26 -20.85
C HIS C 35 -12.77 -5.58 -22.28
N TRP C 36 -12.60 -6.83 -22.69
CA TRP C 36 -12.97 -7.28 -24.00
C TRP C 36 -13.76 -8.56 -23.95
N VAL C 37 -14.96 -8.53 -24.52
CA VAL C 37 -15.88 -9.65 -24.39
C VAL C 37 -16.36 -9.92 -25.80
N ARG C 38 -16.52 -11.19 -26.17
CA ARG C 38 -17.05 -11.50 -27.49
C ARG C 38 -18.33 -12.33 -27.36
N GLN C 39 -19.13 -12.32 -28.42
CA GLN C 39 -20.40 -13.04 -28.38
C GLN C 39 -20.64 -13.80 -29.67
N SER C 40 -21.08 -15.04 -29.55
CA SER C 40 -21.50 -15.78 -30.72
C SER C 40 -22.82 -16.47 -30.44
N PRO C 41 -23.56 -16.80 -31.52
CA PRO C 41 -24.72 -17.67 -31.48
C PRO C 41 -24.50 -18.84 -30.51
N GLY C 42 -23.52 -19.68 -30.87
CA GLY C 42 -23.27 -20.99 -30.23
C GLY C 42 -22.69 -21.02 -28.83
N LYS C 43 -21.47 -20.53 -28.64
CA LYS C 43 -20.84 -20.56 -27.31
C LYS C 43 -20.95 -19.27 -26.44
N GLY C 44 -22.02 -18.47 -26.63
CA GLY C 44 -22.44 -17.41 -25.68
C GLY C 44 -21.61 -16.12 -25.56
N LEU C 45 -21.85 -15.30 -24.52
CA LEU C 45 -20.95 -14.16 -24.18
C LEU C 45 -19.69 -14.65 -23.47
N GLU C 46 -18.51 -14.28 -23.95
CA GLU C 46 -17.30 -14.76 -23.29
C GLU C 46 -16.25 -13.69 -23.07
N TRP C 47 -15.77 -13.59 -21.83
CA TRP C 47 -14.71 -12.64 -21.44
C TRP C 47 -13.35 -13.08 -21.94
N LEU C 48 -12.64 -12.10 -22.51
CA LEU C 48 -11.41 -12.38 -23.21
C LEU C 48 -10.20 -11.88 -22.44
N GLY C 49 -10.31 -10.71 -21.83
CA GLY C 49 -9.17 -10.08 -21.14
C GLY C 49 -9.43 -8.65 -20.68
N VAL C 50 -8.39 -8.04 -20.11
CA VAL C 50 -8.42 -6.66 -19.60
C VAL C 50 -7.08 -5.99 -19.78
N ILE C 51 -7.07 -4.73 -20.16
CA ILE C 51 -5.94 -3.87 -19.82
C ILE C 51 -6.43 -2.99 -18.66
N TRP C 52 -5.85 -3.22 -17.49
CA TRP C 52 -6.23 -2.48 -16.30
C TRP C 52 -5.61 -1.09 -16.36
N SER C 53 -6.06 -0.20 -15.48
CA SER C 53 -5.65 1.21 -15.51
C SER C 53 -4.16 1.40 -15.52
N GLY C 54 -3.48 0.73 -14.58
CA GLY C 54 -2.00 0.75 -14.56
C GLY C 54 -1.26 0.14 -15.74
N GLY C 55 -1.96 -0.33 -16.77
CA GLY C 55 -1.27 -0.86 -17.99
C GLY C 55 -0.94 -2.36 -18.01
N ASN C 56 -1.22 -3.06 -16.93
CA ASN C 56 -0.97 -4.48 -16.93
C ASN C 56 -2.18 -5.20 -17.53
N THR C 57 -1.97 -6.32 -18.19
CA THR C 57 -3.10 -7.01 -18.75
C THR C 57 -3.40 -8.26 -17.99
N ASP C 58 -4.38 -8.98 -18.47
CA ASP C 58 -4.74 -10.27 -17.94
C ASP C 58 -5.64 -10.92 -18.97
N TYR C 59 -5.32 -12.16 -19.36
CA TYR C 59 -6.04 -12.83 -20.43
C TYR C 59 -6.68 -14.12 -19.96
N ASN C 60 -7.91 -14.38 -20.36
CA ASN C 60 -8.56 -15.66 -20.12
C ASN C 60 -7.67 -16.80 -20.67
N THR C 61 -7.63 -17.92 -19.96
CA THR C 61 -6.76 -19.04 -20.28
C THR C 61 -6.72 -19.40 -21.77
N PRO C 62 -7.88 -19.60 -22.42
CA PRO C 62 -7.78 -19.97 -23.85
C PRO C 62 -7.14 -18.95 -24.80
N PHE C 63 -6.96 -17.70 -24.37
CA PHE C 63 -6.33 -16.69 -25.24
C PHE C 63 -4.99 -16.22 -24.69
N THR C 64 -4.56 -16.80 -23.58
CA THR C 64 -3.26 -16.48 -23.01
C THR C 64 -2.18 -16.37 -24.09
N SER C 65 -2.13 -17.31 -25.02
CA SER C 65 -0.96 -17.34 -25.87
C SER C 65 -1.12 -16.49 -27.11
N ARG C 66 -2.28 -15.83 -27.24
CA ARG C 66 -2.53 -15.18 -28.54
C ARG C 66 -3.30 -13.89 -28.44
N LEU C 67 -3.53 -13.46 -27.22
CA LEU C 67 -4.14 -12.19 -27.03
C LEU C 67 -3.07 -11.16 -26.75
N SER C 68 -3.29 -9.96 -27.25
CA SER C 68 -2.45 -8.83 -26.95
C SER C 68 -3.33 -7.61 -26.84
N ILE C 69 -3.45 -7.04 -25.63
CA ILE C 69 -4.14 -5.77 -25.45
C ILE C 69 -3.17 -4.69 -25.02
N ASN C 70 -3.20 -3.54 -25.71
CA ASN C 70 -2.37 -2.38 -25.42
C ASN C 70 -3.19 -1.12 -25.27
N LYS C 71 -2.57 -0.04 -24.83
CA LYS C 71 -3.27 1.22 -24.75
C LYS C 71 -2.37 2.43 -24.88
N ASP C 72 -2.98 3.55 -25.22
CA ASP C 72 -2.31 4.84 -25.19
C ASP C 72 -3.23 5.80 -24.43
N ASN C 73 -2.96 5.98 -23.13
CA ASN C 73 -3.81 6.80 -22.26
C ASN C 73 -4.05 8.17 -22.83
N SER C 74 -2.98 8.84 -23.26
CA SER C 74 -3.12 10.22 -23.68
C SER C 74 -4.07 10.40 -24.86
N LYS C 75 -4.17 9.41 -25.74
CA LYS C 75 -5.15 9.44 -26.83
C LYS C 75 -6.41 8.67 -26.48
N SER C 76 -6.54 8.29 -25.21
CA SER C 76 -7.60 7.38 -24.71
C SER C 76 -8.07 6.35 -25.74
N GLN C 77 -7.12 5.50 -26.10
CA GLN C 77 -7.32 4.48 -27.08
C GLN C 77 -6.82 3.13 -26.54
N VAL C 78 -7.67 2.09 -26.67
CA VAL C 78 -7.26 0.71 -26.39
C VAL C 78 -7.13 -0.13 -27.69
N PHE C 79 -6.17 -1.04 -27.73
CA PHE C 79 -5.82 -1.77 -28.96
C PHE C 79 -5.79 -3.29 -28.71
N PHE C 80 -6.86 -3.97 -29.09
CA PHE C 80 -6.99 -5.43 -29.01
C PHE C 80 -6.33 -6.07 -30.22
N LYS C 81 -5.42 -7.01 -29.99
CA LYS C 81 -4.91 -7.83 -31.07
C LYS C 81 -5.04 -9.30 -30.68
N MET C 82 -5.43 -10.14 -31.65
CA MET C 82 -5.51 -11.58 -31.45
C MET C 82 -4.92 -12.24 -32.64
N ASN C 83 -3.98 -13.14 -32.42
CA ASN C 83 -3.39 -13.85 -33.54
C ASN C 83 -4.13 -15.11 -33.94
N SER C 84 -3.85 -15.55 -35.17
CA SER C 84 -4.17 -16.89 -35.65
C SER C 84 -5.61 -17.27 -35.42
N LEU C 85 -6.52 -16.55 -36.08
CA LEU C 85 -7.94 -16.79 -35.91
C LEU C 85 -8.31 -18.03 -36.73
N GLN C 86 -9.37 -18.71 -36.29
CA GLN C 86 -9.98 -19.80 -37.02
C GLN C 86 -11.47 -19.55 -36.94
N SER C 87 -12.31 -20.39 -37.54
CA SER C 87 -13.75 -20.10 -37.50
C SER C 87 -14.39 -20.16 -36.13
N ASN C 88 -13.84 -20.94 -35.19
CA ASN C 88 -14.18 -20.81 -33.76
C ASN C 88 -14.32 -19.34 -33.42
N ASP C 89 -13.52 -18.52 -34.08
CA ASP C 89 -13.33 -17.14 -33.65
C ASP C 89 -14.28 -16.09 -34.23
N THR C 90 -15.22 -16.52 -35.06
CA THR C 90 -16.26 -15.63 -35.55
C THR C 90 -17.11 -15.21 -34.38
N ALA C 91 -17.31 -13.91 -34.23
CA ALA C 91 -18.19 -13.37 -33.20
C ALA C 91 -18.31 -11.88 -33.32
N ILE C 92 -19.14 -11.31 -32.47
CA ILE C 92 -19.15 -9.89 -32.29
C ILE C 92 -18.24 -9.57 -31.11
N TYR C 93 -17.15 -8.85 -31.37
CA TYR C 93 -16.21 -8.47 -30.33
C TYR C 93 -16.53 -7.11 -29.66
N TYR C 94 -16.51 -7.05 -28.33
CA TYR C 94 -16.85 -5.83 -27.61
C TYR C 94 -15.75 -5.38 -26.68
N CYS C 95 -15.59 -4.05 -26.52
CA CYS C 95 -14.95 -3.46 -25.34
C CYS C 95 -16.00 -3.08 -24.33
N ALA C 96 -15.59 -3.02 -23.07
CA ALA C 96 -16.52 -2.74 -22.00
C ALA C 96 -15.76 -2.08 -20.88
N ARG C 97 -16.49 -1.34 -20.04
CA ARG C 97 -15.92 -0.75 -18.85
C ARG C 97 -16.90 -0.99 -17.75
N ALA C 98 -16.37 -1.43 -16.61
CA ALA C 98 -17.15 -1.69 -15.43
C ALA C 98 -17.74 -0.39 -14.87
N LEU C 99 -18.81 -0.53 -14.09
CA LEU C 99 -19.46 0.63 -13.44
C LEU C 99 -18.58 1.24 -12.34
N THR C 100 -17.63 0.46 -11.89
CA THR C 100 -17.07 0.64 -10.58
C THR C 100 -15.65 0.13 -10.70
N TYR C 101 -14.69 0.79 -10.03
CA TYR C 101 -13.27 0.48 -10.17
C TYR C 101 -13.06 -0.96 -9.82
N TYR C 102 -12.21 -1.59 -10.62
CA TYR C 102 -11.79 -2.97 -10.39
C TYR C 102 -12.90 -4.04 -10.48
N ASP C 103 -14.10 -3.71 -10.99
CA ASP C 103 -15.22 -4.70 -10.94
C ASP C 103 -15.51 -5.15 -12.36
N TYR C 104 -16.62 -5.87 -12.54
CA TYR C 104 -16.94 -6.56 -13.80
C TYR C 104 -18.41 -6.42 -14.11
N GLU C 105 -19.05 -5.41 -13.52
CA GLU C 105 -20.45 -5.13 -13.76
C GLU C 105 -20.48 -4.09 -14.88
N PHE C 106 -20.64 -4.59 -16.10
CA PHE C 106 -20.28 -3.83 -17.29
C PHE C 106 -21.40 -2.90 -17.75
N ALA C 107 -21.34 -1.65 -17.30
CA ALA C 107 -22.38 -0.67 -17.53
C ALA C 107 -22.26 -0.01 -18.89
N TYR C 108 -21.08 -0.14 -19.54
CA TYR C 108 -20.75 0.58 -20.77
C TYR C 108 -19.99 -0.31 -21.75
N TRP C 109 -20.38 -0.24 -23.05
CA TRP C 109 -19.97 -1.18 -24.11
C TRP C 109 -19.82 -0.41 -25.38
N GLY C 110 -18.76 -0.71 -26.14
CA GLY C 110 -18.69 -0.26 -27.52
C GLY C 110 -19.84 -0.85 -28.33
N GLN C 111 -19.96 -0.42 -29.59
CA GLN C 111 -21.05 -0.87 -30.44
C GLN C 111 -20.79 -2.28 -30.97
N GLY C 112 -19.63 -2.84 -30.65
CA GLY C 112 -19.30 -4.18 -31.09
C GLY C 112 -18.77 -4.17 -32.50
N THR C 113 -17.89 -5.11 -32.81
CA THR C 113 -17.36 -5.21 -34.14
C THR C 113 -17.75 -6.60 -34.61
N LEU C 114 -18.34 -6.68 -35.81
CA LEU C 114 -18.77 -7.96 -36.33
C LEU C 114 -17.62 -8.60 -37.06
N VAL C 115 -17.08 -9.68 -36.48
CA VAL C 115 -15.85 -10.28 -37.01
C VAL C 115 -16.15 -11.64 -37.60
N THR C 116 -15.73 -11.79 -38.86
CA THR C 116 -16.04 -12.94 -39.69
C THR C 116 -14.74 -13.59 -40.15
N VAL C 117 -14.55 -14.88 -39.86
CA VAL C 117 -13.30 -15.56 -40.15
C VAL C 117 -13.48 -16.58 -41.26
N SER C 118 -13.16 -16.16 -42.48
CA SER C 118 -13.25 -17.01 -43.64
C SER C 118 -12.15 -16.60 -44.59
N ALA C 119 -11.79 -17.52 -45.48
CA ALA C 119 -10.75 -17.28 -46.46
C ALA C 119 -11.37 -16.85 -47.77
N ALA C 120 -12.69 -16.74 -47.77
CA ALA C 120 -13.43 -16.38 -48.98
C ALA C 120 -13.19 -14.91 -49.39
N SER C 121 -13.38 -14.62 -50.66
CA SER C 121 -13.34 -13.23 -51.14
C SER C 121 -14.61 -12.44 -50.82
N THR C 122 -14.49 -11.12 -50.84
CA THR C 122 -15.62 -10.21 -50.61
C THR C 122 -16.39 -10.07 -51.91
N LYS C 123 -17.70 -9.94 -51.81
CA LYS C 123 -18.54 -9.79 -52.98
C LYS C 123 -19.72 -8.91 -52.66
N GLY C 124 -20.07 -8.07 -53.62
CA GLY C 124 -21.30 -7.30 -53.56
C GLY C 124 -22.50 -8.13 -53.97
N PRO C 125 -23.69 -7.79 -53.43
CA PRO C 125 -24.95 -8.45 -53.71
C PRO C 125 -25.50 -8.09 -55.09
N SER C 126 -26.29 -9.00 -55.65
CA SER C 126 -27.16 -8.68 -56.78
C SER C 126 -28.59 -8.59 -56.24
N VAL C 127 -29.38 -7.69 -56.84
CA VAL C 127 -30.69 -7.29 -56.33
C VAL C 127 -31.81 -7.53 -57.35
N PHE C 128 -32.79 -8.33 -56.98
CA PHE C 128 -33.95 -8.57 -57.83
C PHE C 128 -35.22 -8.10 -57.11
N PRO C 129 -36.20 -7.57 -57.85
CA PRO C 129 -37.44 -7.20 -57.15
C PRO C 129 -38.36 -8.41 -57.01
N LEU C 130 -39.13 -8.44 -55.92
CA LEU C 130 -40.20 -9.43 -55.76
C LEU C 130 -41.50 -8.71 -56.06
N ALA C 131 -41.83 -8.64 -57.35
CA ALA C 131 -42.94 -7.81 -57.86
C ALA C 131 -44.29 -8.22 -57.27
N PRO C 132 -45.19 -7.24 -57.04
CA PRO C 132 -46.52 -7.55 -56.51
C PRO C 132 -47.40 -8.30 -57.52
N SER C 133 -48.02 -9.39 -57.07
CA SER C 133 -48.98 -10.12 -57.90
C SER C 133 -50.27 -9.32 -58.01
N SER C 134 -50.70 -9.11 -59.25
CA SER C 134 -51.94 -8.42 -59.52
C SER C 134 -53.12 -9.19 -58.90
N LYS C 135 -53.76 -8.55 -57.91
CA LYS C 135 -55.09 -8.95 -57.44
C LYS C 135 -56.11 -8.28 -58.37
N SER C 136 -57.21 -7.79 -57.81
CA SER C 136 -58.19 -7.01 -58.59
C SER C 136 -58.73 -5.81 -57.78
N THR C 137 -59.17 -6.08 -56.55
CA THR C 137 -59.71 -5.07 -55.63
C THR C 137 -59.15 -5.31 -54.20
N SER C 138 -59.68 -4.54 -53.25
CA SER C 138 -59.50 -4.68 -51.77
C SER C 138 -59.42 -3.29 -51.10
N GLY C 139 -58.21 -2.73 -51.03
CA GLY C 139 -57.98 -1.39 -50.47
C GLY C 139 -56.83 -1.29 -49.47
N GLY C 140 -56.64 -2.33 -48.66
CA GLY C 140 -55.74 -2.27 -47.51
C GLY C 140 -54.41 -3.01 -47.62
N THR C 141 -54.40 -4.21 -48.21
CA THR C 141 -53.24 -5.09 -48.06
C THR C 141 -52.72 -5.68 -49.36
N ALA C 142 -51.51 -5.28 -49.72
CA ALA C 142 -50.77 -5.92 -50.82
C ALA C 142 -49.27 -5.94 -50.49
N ALA C 143 -48.61 -7.04 -50.84
CA ALA C 143 -47.20 -7.23 -50.47
C ALA C 143 -46.23 -7.24 -51.64
N LEU C 144 -45.05 -6.67 -51.41
CA LEU C 144 -44.00 -6.62 -52.41
C LEU C 144 -42.65 -6.42 -51.73
N GLY C 145 -41.56 -6.71 -52.45
CA GLY C 145 -40.23 -6.42 -51.92
C GLY C 145 -39.02 -6.61 -52.83
N CYS C 146 -37.90 -7.00 -52.19
CA CYS C 146 -36.58 -7.06 -52.81
C CYS C 146 -35.81 -8.27 -52.32
N LEU C 147 -35.16 -8.95 -53.26
CA LEU C 147 -34.31 -10.07 -52.95
C LEU C 147 -32.86 -9.66 -53.08
N VAL C 148 -32.20 -9.54 -51.93
CA VAL C 148 -30.78 -9.13 -51.88
C VAL C 148 -29.87 -10.37 -51.78
N LYS C 149 -29.29 -10.75 -52.90
CA LYS C 149 -28.71 -12.07 -53.01
C LYS C 149 -27.20 -12.07 -53.31
N ASP C 150 -26.51 -13.07 -52.76
CA ASP C 150 -25.14 -13.46 -53.20
C ASP C 150 -24.06 -12.45 -52.87
N TYR C 151 -23.93 -12.16 -51.57
CA TYR C 151 -22.94 -11.19 -51.10
C TYR C 151 -22.22 -11.79 -49.93
N PHE C 152 -21.01 -11.29 -49.71
CA PHE C 152 -20.19 -11.73 -48.62
C PHE C 152 -19.17 -10.66 -48.30
N PRO C 153 -18.89 -10.41 -47.01
CA PRO C 153 -19.52 -10.92 -45.79
C PRO C 153 -20.63 -10.00 -45.32
N GLU C 154 -21.25 -10.30 -44.19
CA GLU C 154 -22.23 -9.40 -43.60
C GLU C 154 -21.54 -8.07 -43.20
N PRO C 155 -22.33 -7.00 -42.93
CA PRO C 155 -23.78 -6.91 -43.11
C PRO C 155 -24.16 -6.18 -44.38
N VAL C 156 -25.46 -6.06 -44.60
CA VAL C 156 -26.01 -5.22 -45.64
C VAL C 156 -27.13 -4.40 -45.00
N THR C 157 -27.40 -3.22 -45.53
CA THR C 157 -28.53 -2.44 -45.01
C THR C 157 -29.55 -2.27 -46.10
N VAL C 158 -30.81 -2.12 -45.70
CA VAL C 158 -31.89 -1.85 -46.63
C VAL C 158 -32.78 -0.72 -46.08
N SER C 159 -32.96 0.31 -46.87
CA SER C 159 -33.93 1.35 -46.56
C SER C 159 -34.90 1.45 -47.73
N TRP C 160 -36.12 1.88 -47.47
CA TRP C 160 -37.08 2.04 -48.56
C TRP C 160 -37.40 3.50 -48.88
N ASN C 161 -37.50 3.80 -50.18
CA ASN C 161 -37.71 5.16 -50.71
C ASN C 161 -36.72 6.17 -50.15
N SER C 162 -35.50 5.71 -49.92
CA SER C 162 -34.47 6.47 -49.22
C SER C 162 -34.88 6.82 -47.77
N GLY C 163 -35.45 5.85 -47.06
CA GLY C 163 -35.79 6.04 -45.66
C GLY C 163 -37.16 6.65 -45.41
N ALA C 164 -37.79 7.17 -46.47
CA ALA C 164 -39.08 7.84 -46.38
C ALA C 164 -40.26 6.87 -46.24
N LEU C 165 -39.95 5.59 -45.95
CA LEU C 165 -40.99 4.55 -45.82
C LEU C 165 -40.67 3.54 -44.69
N THR C 166 -41.31 3.73 -43.53
CA THR C 166 -40.97 2.99 -42.31
C THR C 166 -41.84 1.77 -41.97
N SER C 167 -43.11 1.97 -41.61
CA SER C 167 -43.95 0.87 -41.16
C SER C 167 -44.34 -0.05 -42.33
N GLY C 168 -44.56 -1.32 -41.99
CA GLY C 168 -44.79 -2.36 -42.98
C GLY C 168 -43.50 -3.10 -43.31
N VAL C 169 -42.36 -2.44 -43.12
CA VAL C 169 -41.05 -2.97 -43.55
C VAL C 169 -40.49 -4.10 -42.66
N HIS C 170 -40.36 -5.27 -43.25
CA HIS C 170 -39.70 -6.37 -42.61
C HIS C 170 -38.45 -6.80 -43.38
N THR C 171 -37.28 -6.54 -42.81
CA THR C 171 -36.00 -6.94 -43.42
C THR C 171 -35.48 -8.17 -42.71
N PHE C 172 -35.56 -9.32 -43.38
CA PHE C 172 -35.24 -10.61 -42.75
C PHE C 172 -33.77 -10.81 -42.45
N PRO C 173 -33.45 -11.51 -41.35
CA PRO C 173 -32.10 -11.97 -41.10
C PRO C 173 -31.53 -12.71 -42.31
N ALA C 174 -30.33 -12.35 -42.72
CA ALA C 174 -29.69 -13.04 -43.84
C ALA C 174 -29.51 -14.52 -43.57
N VAL C 175 -29.32 -15.27 -44.64
CA VAL C 175 -29.20 -16.71 -44.55
C VAL C 175 -28.01 -17.11 -45.42
N LEU C 176 -27.19 -18.01 -44.91
CA LEU C 176 -25.97 -18.37 -45.58
C LEU C 176 -26.27 -19.50 -46.56
N GLN C 177 -26.14 -19.23 -47.84
CA GLN C 177 -26.45 -20.25 -48.85
C GLN C 177 -25.38 -21.35 -48.92
N SER C 178 -25.64 -22.39 -49.72
CA SER C 178 -24.71 -23.49 -49.86
C SER C 178 -23.52 -23.09 -50.70
N SER C 179 -23.68 -21.97 -51.42
CA SER C 179 -22.57 -21.39 -52.20
C SER C 179 -21.58 -20.60 -51.31
N GLY C 180 -21.92 -20.41 -50.02
CA GLY C 180 -21.08 -19.63 -49.11
C GLY C 180 -21.39 -18.15 -49.14
N LEU C 181 -22.24 -17.74 -50.07
CA LEU C 181 -22.71 -16.36 -50.12
C LEU C 181 -24.00 -16.19 -49.33
N TYR C 182 -24.19 -15.00 -48.81
CA TYR C 182 -25.40 -14.69 -48.09
C TYR C 182 -26.55 -14.27 -49.01
N SER C 183 -27.69 -14.30 -48.48
CA SER C 183 -28.79 -13.88 -49.31
C SER C 183 -29.77 -13.27 -48.37
N LEU C 184 -30.72 -12.49 -48.90
CA LEU C 184 -31.65 -11.76 -48.05
C LEU C 184 -32.95 -11.35 -48.77
N SER C 185 -33.87 -10.82 -47.98
CA SER C 185 -35.09 -10.27 -48.49
C SER C 185 -35.39 -9.07 -47.63
N SER C 186 -35.98 -8.02 -48.21
CA SER C 186 -36.45 -6.83 -47.47
C SER C 186 -37.83 -6.56 -48.01
N VAL C 187 -38.85 -6.85 -47.17
CA VAL C 187 -40.26 -6.76 -47.60
C VAL C 187 -41.15 -5.67 -46.95
N VAL C 188 -42.16 -5.19 -47.68
CA VAL C 188 -43.06 -4.19 -47.12
C VAL C 188 -44.54 -4.42 -47.48
N THR C 189 -45.41 -4.22 -46.49
CA THR C 189 -46.85 -4.35 -46.65
C THR C 189 -47.35 -2.99 -47.12
N VAL C 190 -48.29 -3.01 -48.04
CA VAL C 190 -48.71 -1.78 -48.73
C VAL C 190 -50.24 -1.70 -48.97
N PRO C 191 -50.79 -0.47 -49.06
CA PRO C 191 -52.16 -0.30 -49.56
C PRO C 191 -52.30 -0.73 -51.03
N SER C 192 -53.12 -1.75 -51.28
CA SER C 192 -53.32 -2.36 -52.62
C SER C 192 -53.70 -1.36 -53.72
N SER C 193 -53.17 -1.61 -54.91
CA SER C 193 -53.15 -0.66 -56.03
C SER C 193 -52.29 0.57 -55.68
N SER C 194 -51.34 0.37 -54.76
CA SER C 194 -50.42 1.39 -54.27
C SER C 194 -51.08 2.75 -54.02
N LEU C 195 -52.10 2.76 -53.17
CA LEU C 195 -52.84 4.00 -52.84
C LEU C 195 -51.97 4.97 -52.03
N GLY C 196 -51.94 6.23 -52.45
CA GLY C 196 -51.05 7.24 -51.86
C GLY C 196 -49.69 7.36 -52.55
N THR C 197 -48.86 6.32 -52.43
CA THR C 197 -47.51 6.29 -53.03
C THR C 197 -47.37 5.33 -54.22
N GLN C 198 -46.77 5.83 -55.30
CA GLN C 198 -46.50 5.03 -56.49
C GLN C 198 -45.09 4.48 -56.43
N THR C 199 -44.12 5.33 -56.11
CA THR C 199 -42.69 4.96 -56.15
C THR C 199 -42.24 4.03 -55.02
N TYR C 200 -41.91 2.78 -55.37
CA TYR C 200 -41.26 1.87 -54.41
C TYR C 200 -39.84 1.51 -54.82
N ILE C 201 -38.88 2.30 -54.31
CA ILE C 201 -37.46 2.11 -54.57
C ILE C 201 -36.77 1.39 -53.39
N CYS C 202 -35.76 0.61 -53.72
CA CYS C 202 -35.10 -0.31 -52.81
C CYS C 202 -33.65 0.10 -52.58
N ASN C 203 -33.30 0.46 -51.35
CA ASN C 203 -31.99 1.09 -51.14
C ASN C 203 -31.03 0.21 -50.39
N VAL C 204 -30.35 -0.63 -51.15
CA VAL C 204 -29.44 -1.66 -50.65
C VAL C 204 -27.98 -1.18 -50.61
N ASN C 205 -27.41 -1.16 -49.40
CA ASN C 205 -26.01 -0.81 -49.25
C ASN C 205 -25.17 -1.90 -48.58
N HIS C 206 -24.06 -2.24 -49.23
CA HIS C 206 -23.10 -3.26 -48.78
C HIS C 206 -21.74 -2.62 -48.56
N LYS C 207 -21.46 -2.19 -47.33
CA LYS C 207 -20.25 -1.43 -46.98
C LYS C 207 -18.93 -2.19 -47.17
N PRO C 208 -18.83 -3.44 -46.67
CA PRO C 208 -17.65 -4.29 -46.93
C PRO C 208 -17.15 -4.28 -48.38
N SER C 209 -18.05 -4.30 -49.36
CA SER C 209 -17.65 -4.23 -50.77
C SER C 209 -17.88 -2.85 -51.37
N ASN C 210 -18.54 -1.98 -50.59
CA ASN C 210 -18.92 -0.65 -51.07
C ASN C 210 -19.74 -0.78 -52.37
N THR C 211 -20.91 -1.41 -52.27
CA THR C 211 -21.83 -1.43 -53.40
C THR C 211 -23.18 -0.90 -52.98
N LYS C 212 -23.52 0.29 -53.50
CA LYS C 212 -24.86 0.85 -53.40
C LYS C 212 -25.65 0.36 -54.60
N VAL C 213 -26.88 -0.09 -54.37
CA VAL C 213 -27.75 -0.53 -55.46
C VAL C 213 -29.16 -0.09 -55.15
N ASP C 214 -29.86 0.39 -56.17
CA ASP C 214 -31.28 0.70 -56.07
C ASP C 214 -32.08 -0.07 -57.13
N LYS C 215 -33.16 -0.72 -56.70
CA LYS C 215 -34.13 -1.33 -57.63
C LYS C 215 -35.55 -0.76 -57.44
N ARG C 216 -36.33 -0.75 -58.52
CA ARG C 216 -37.73 -0.32 -58.46
C ARG C 216 -38.67 -1.53 -58.60
N VAL C 217 -39.78 -1.50 -57.87
CA VAL C 217 -40.68 -2.66 -57.79
C VAL C 217 -42.14 -2.38 -58.24
N GLU C 218 -42.45 -2.75 -59.48
CA GLU C 218 -43.83 -2.77 -59.99
C GLU C 218 -44.00 -4.04 -60.84
N PRO C 219 -45.25 -4.38 -61.25
CA PRO C 219 -45.37 -5.36 -62.35
C PRO C 219 -44.79 -4.86 -63.70
N LYS C 220 -43.54 -5.25 -63.99
CA LYS C 220 -42.79 -4.78 -65.17
C LYS C 220 -43.42 -5.24 -66.50
#